data_4YR6
#
_entry.id   4YR6
#
_cell.length_a   101.900
_cell.length_b   147.060
_cell.length_c   194.950
_cell.angle_alpha   90.00
_cell.angle_beta   90.00
_cell.angle_gamma   90.00
#
_symmetry.space_group_name_H-M   'C 2 2 21'
#
loop_
_entity.id
_entity.type
_entity.pdbx_description
1 polymer 'heavy chain of 5G6'
2 polymer 'light chain of 5G6'
3 polymer ACE-LYS-LEU-ARG-GLY-VAL-LEU-GLN-GLY-HIS-LEU
4 non-polymer GLYCEROL
5 water water
#
loop_
_entity_poly.entity_id
_entity_poly.type
_entity_poly.pdbx_seq_one_letter_code
_entity_poly.pdbx_strand_id
1 'polypeptide(L)'
;QVTLKESGPGILQPSQTLSLTCSFSGFSLSTSNMGVVWIRQPSGKGLEWLLHILWNDGKFYNPALKSRLTISKDTYNNQV
FLKIANVDTADTATYYCARLFTTTTSGYFDVWGAGTTVTVSSAKTTPPSVYPLAPGSAAQTNSMVTLGCLVKGYFPEPVT
VTWNSGSLSSGVHTFPAVLQSDLYTLSSSVTVPSSPRPSETVTCNVAHPASSTKVDKKIAA
;
A,D
2 'polypeptide(L)'
;DIQMTQSPASLSASVGETVTITCRASGNIYNYLAWYQQKQGKSPQLLVYNAKTLADGVPSRFSGSGSGTQYSLKINSLQP
EDFGSYFCQHFWDTPWTFGGGTKLEIKRADAAPTVSIFPPSSEQLTSGGASVVCFLNNFYPKDINVKWKIDGSERQNGVL
NSWTDQDSKDSTYSMSSTLTLTKDEYERHNSYTCEATHKTSTSPIVKSFNRNEC
;
B,E
3 'polypeptide(L)' (ACE)KLRGVLQGHL C,F
#
# COMPACT_ATOMS: atom_id res chain seq x y z
N GLN A 1 -6.82 -0.19 3.48
CA GLN A 1 -5.71 0.72 3.21
C GLN A 1 -4.63 0.57 4.29
N VAL A 2 -4.44 -0.65 4.79
CA VAL A 2 -3.25 -0.90 5.59
C VAL A 2 -2.02 -0.73 4.67
N THR A 3 -1.13 0.20 4.98
CA THR A 3 0.11 0.34 4.20
C THR A 3 1.31 0.58 5.11
N LEU A 4 2.48 0.07 4.71
CA LEU A 4 3.73 0.39 5.39
C LEU A 4 4.85 0.75 4.39
N LYS A 5 5.68 1.73 4.75
CA LYS A 5 6.79 2.14 3.90
C LYS A 5 8.08 2.36 4.71
N GLU A 6 9.11 1.58 4.39
CA GLU A 6 10.42 1.76 5.01
C GLU A 6 11.13 2.96 4.40
N SER A 7 11.91 3.67 5.22
CA SER A 7 12.85 4.71 4.77
C SER A 7 14.18 4.42 5.45
N GLY A 8 15.28 4.78 4.80
CA GLY A 8 16.61 4.51 5.34
C GLY A 8 17.68 5.25 4.55
N PRO A 9 18.97 5.09 4.94
CA PRO A 9 20.11 5.81 4.35
C PRO A 9 20.55 5.23 3.00
N GLY A 10 20.26 3.97 2.75
CA GLY A 10 20.63 3.36 1.48
C GLY A 10 22.01 2.74 1.55
N ILE A 11 23.02 3.56 1.86
CA ILE A 11 24.40 3.13 2.01
C ILE A 11 25.01 3.61 3.34
N LEU A 12 25.81 2.75 3.96
CA LEU A 12 26.39 3.02 5.27
C LEU A 12 27.77 2.38 5.36
N GLN A 13 28.69 3.04 6.06
CA GLN A 13 30.02 2.48 6.29
C GLN A 13 29.99 1.64 7.55
N PRO A 14 30.82 0.59 7.59
CA PRO A 14 30.85 -0.29 8.76
C PRO A 14 31.11 0.47 10.07
N SER A 15 30.74 -0.14 11.20
CA SER A 15 30.80 0.48 12.54
C SER A 15 29.73 1.55 12.80
N GLN A 16 29.07 2.04 11.77
CA GLN A 16 28.02 3.05 11.94
C GLN A 16 26.69 2.47 12.42
N THR A 17 25.78 3.38 12.77
CA THR A 17 24.43 3.04 13.24
C THR A 17 23.40 3.18 12.13
N LEU A 18 22.75 2.06 11.79
CA LEU A 18 21.66 2.04 10.80
C LEU A 18 20.34 2.50 11.40
N SER A 19 19.82 3.61 10.90
CA SER A 19 18.51 4.09 11.31
C SER A 19 17.48 3.88 10.21
N LEU A 20 16.45 3.11 10.53
CA LEU A 20 15.34 2.84 9.61
C LEU A 20 14.01 3.29 10.20
N THR A 21 13.21 3.95 9.37
CA THR A 21 11.88 4.38 9.78
C THR A 21 10.80 3.61 9.03
N CYS A 22 9.78 3.16 9.75
CA CYS A 22 8.59 2.59 9.13
C CYS A 22 7.45 3.57 9.30
N SER A 23 6.90 4.04 8.20
CA SER A 23 5.73 4.91 8.21
C SER A 23 4.53 4.11 7.76
N PHE A 24 3.51 4.04 8.61
CA PHE A 24 2.36 3.18 8.31
C PHE A 24 1.06 3.96 8.36
N SER A 25 0.03 3.43 7.72
CA SER A 25 -1.32 3.99 7.85
C SER A 25 -2.33 2.88 7.67
N GLY A 26 -3.61 3.18 7.88
CA GLY A 26 -4.64 2.16 7.79
C GLY A 26 -4.81 1.28 9.04
N PHE A 27 -3.97 1.48 10.05
CA PHE A 27 -4.13 0.80 11.36
C PHE A 27 -3.38 1.59 12.41
N SER A 28 -3.77 1.39 13.67
CA SER A 28 -3.15 2.12 14.78
C SER A 28 -2.35 1.22 15.72
N LEU A 29 -1.22 1.74 16.20
CA LEU A 29 -0.47 1.06 17.25
C LEU A 29 -1.02 1.37 18.65
N SER A 30 -2.25 1.89 18.71
CA SER A 30 -3.00 2.04 19.96
C SER A 30 -4.12 1.01 20.07
N THR A 31 -4.23 0.16 19.06
CA THR A 31 -5.24 -0.88 18.99
C THR A 31 -4.59 -2.19 19.40
N SER A 32 -5.27 -2.99 20.21
CA SER A 32 -4.64 -4.22 20.67
C SER A 32 -4.51 -5.22 19.51
N ASN A 33 -3.67 -6.24 19.70
CA ASN A 33 -3.35 -7.25 18.70
C ASN A 33 -2.48 -6.77 17.52
N MET A 34 -2.11 -5.49 17.54
CA MET A 34 -1.33 -4.88 16.47
C MET A 34 0.14 -4.73 16.86
N GLY A 35 1.01 -4.97 15.91
CA GLY A 35 2.42 -4.65 16.08
C GLY A 35 3.09 -4.35 14.76
N VAL A 36 4.32 -3.85 14.82
CA VAL A 36 5.16 -3.73 13.63
C VAL A 36 6.41 -4.57 13.79
N VAL A 37 6.71 -5.38 12.78
CA VAL A 37 7.86 -6.26 12.80
C VAL A 37 8.89 -5.81 11.75
N TRP A 38 10.17 -6.05 12.03
CA TRP A 38 11.23 -5.88 11.03
C TRP A 38 11.82 -7.21 10.64
N ILE A 39 11.98 -7.38 9.33
CA ILE A 39 12.47 -8.62 8.75
C ILE A 39 13.48 -8.20 7.70
N ARG A 40 14.50 -9.03 7.52
CA ARG A 40 15.48 -8.69 6.50
C ARG A 40 15.82 -9.90 5.68
N GLN A 41 16.28 -9.64 4.46
CA GLN A 41 16.56 -10.71 3.52
C GLN A 41 17.70 -10.29 2.63
N PRO A 42 18.88 -10.89 2.84
CA PRO A 42 19.99 -10.62 1.92
C PRO A 42 19.61 -11.09 0.53
N SER A 43 20.05 -10.35 -0.50
CA SER A 43 19.73 -10.64 -1.89
C SER A 43 19.89 -12.12 -2.22
N GLY A 44 18.81 -12.75 -2.70
CA GLY A 44 18.85 -14.15 -3.08
C GLY A 44 18.91 -15.13 -1.93
N LYS A 45 18.78 -14.66 -0.69
CA LYS A 45 18.81 -15.57 0.44
C LYS A 45 17.48 -15.62 1.20
N GLY A 46 17.47 -16.22 2.38
CA GLY A 46 16.27 -16.41 3.18
C GLY A 46 15.87 -15.21 4.02
N LEU A 47 14.82 -15.36 4.83
CA LEU A 47 14.32 -14.26 5.65
C LEU A 47 14.75 -14.42 7.10
N GLU A 48 14.89 -13.29 7.80
CA GLU A 48 15.34 -13.32 9.17
C GLU A 48 14.50 -12.40 10.05
N TRP A 49 13.97 -12.92 11.15
CA TRP A 49 13.25 -12.07 12.10
C TRP A 49 14.21 -11.26 12.95
N LEU A 50 14.05 -9.93 12.93
CA LEU A 50 14.91 -9.07 13.73
C LEU A 50 14.30 -8.78 15.10
N LEU A 51 13.14 -8.13 15.09
CA LEU A 51 12.48 -7.68 16.33
C LEU A 51 11.06 -7.21 16.03
N HIS A 52 10.26 -7.00 17.08
CA HIS A 52 8.99 -6.27 16.92
C HIS A 52 8.60 -5.43 18.14
N ILE A 53 7.77 -4.43 17.89
CA ILE A 53 7.24 -3.57 18.95
C ILE A 53 5.72 -3.69 18.89
N LEU A 54 5.08 -3.77 20.05
CA LEU A 54 3.63 -3.99 20.07
C LEU A 54 2.85 -2.74 20.46
N TRP A 55 1.54 -2.83 20.27
CA TRP A 55 0.62 -1.74 20.61
C TRP A 55 0.79 -1.29 22.07
N ASN A 56 1.13 -2.21 22.97
CA ASN A 56 1.30 -1.83 24.37
C ASN A 56 2.75 -1.56 24.75
N ASP A 57 3.59 -1.33 23.74
CA ASP A 57 5.01 -1.03 23.92
C ASP A 57 5.85 -2.21 24.37
N GLY A 58 5.32 -3.42 24.22
CA GLY A 58 6.12 -4.61 24.42
C GLY A 58 7.14 -4.73 23.28
N LYS A 59 8.35 -5.22 23.59
CA LYS A 59 9.41 -5.29 22.58
C LYS A 59 10.07 -6.64 22.65
N PHE A 60 10.41 -7.19 21.49
CA PHE A 60 10.98 -8.54 21.45
C PHE A 60 12.10 -8.59 20.44
N TYR A 61 13.19 -9.28 20.77
CA TYR A 61 14.40 -9.17 19.98
C TYR A 61 14.98 -10.51 19.58
N ASN A 62 15.61 -10.56 18.41
CA ASN A 62 16.48 -11.68 18.08
C ASN A 62 17.71 -11.57 18.98
N PRO A 63 17.95 -12.60 19.82
CA PRO A 63 19.07 -12.58 20.78
C PRO A 63 20.43 -12.39 20.13
N ALA A 64 20.65 -12.99 18.95
CA ALA A 64 21.89 -12.79 18.19
C ALA A 64 22.18 -11.31 17.90
N LEU A 65 21.14 -10.48 17.78
CA LEU A 65 21.31 -9.06 17.48
C LEU A 65 20.84 -8.12 18.58
N LYS A 66 20.21 -8.66 19.63
CA LYS A 66 19.50 -7.86 20.64
C LYS A 66 20.38 -6.76 21.26
N SER A 67 21.67 -7.05 21.41
CA SER A 67 22.65 -6.09 21.93
C SER A 67 22.80 -4.84 21.04
N ARG A 68 22.52 -4.98 19.76
CA ARG A 68 22.72 -3.89 18.81
C ARG A 68 21.41 -3.22 18.40
N LEU A 69 20.30 -3.73 18.92
CA LEU A 69 18.99 -3.32 18.44
C LEU A 69 18.28 -2.33 19.36
N THR A 70 17.58 -1.38 18.76
CA THR A 70 16.76 -0.43 19.50
C THR A 70 15.54 -0.17 18.65
N ILE A 71 14.37 -0.08 19.30
CA ILE A 71 13.14 0.20 18.59
C ILE A 71 12.22 1.08 19.43
N SER A 72 11.55 2.03 18.79
CA SER A 72 10.53 2.78 19.49
C SER A 72 9.36 3.06 18.55
N LYS A 73 8.28 3.60 19.10
CA LYS A 73 7.14 3.99 18.30
C LYS A 73 6.69 5.38 18.65
N ASP A 74 6.17 6.06 17.63
CA ASP A 74 5.53 7.36 17.75
C ASP A 74 4.11 7.12 17.23
N THR A 75 3.21 6.84 18.15
CA THR A 75 1.86 6.36 17.81
C THR A 75 0.97 7.41 17.16
N TYR A 76 1.24 8.68 17.46
CA TYR A 76 0.45 9.78 16.88
C TYR A 76 0.83 10.09 15.43
N ASN A 77 2.09 9.87 15.08
CA ASN A 77 2.52 10.11 13.70
C ASN A 77 2.66 8.81 12.91
N ASN A 78 2.21 7.72 13.51
CA ASN A 78 2.21 6.41 12.88
C ASN A 78 3.58 6.04 12.30
N GLN A 79 4.58 5.99 13.18
CA GLN A 79 5.93 5.65 12.76
C GLN A 79 6.62 4.81 13.80
N VAL A 80 7.46 3.91 13.30
CA VAL A 80 8.26 3.08 14.15
C VAL A 80 9.71 3.32 13.74
N PHE A 81 10.57 3.46 14.74
CA PHE A 81 11.98 3.76 14.50
C PHE A 81 12.87 2.60 14.89
N LEU A 82 13.68 2.14 13.95
CA LEU A 82 14.64 1.08 14.19
C LEU A 82 16.08 1.57 14.13
N LYS A 83 16.88 1.19 15.13
CA LYS A 83 18.32 1.42 15.06
C LYS A 83 19.11 0.13 15.20
N ILE A 84 20.02 -0.09 14.25
CA ILE A 84 21.01 -1.14 14.43
C ILE A 84 22.38 -0.50 14.60
N ALA A 85 23.00 -0.77 15.75
CA ALA A 85 24.29 -0.17 16.06
C ALA A 85 25.43 -1.00 15.47
N ASN A 86 26.51 -0.32 15.09
CA ASN A 86 27.74 -1.01 14.70
C ASN A 86 27.56 -2.01 13.57
N VAL A 87 27.17 -1.55 12.38
CA VAL A 87 26.91 -2.48 11.29
C VAL A 87 28.19 -3.03 10.68
N ASP A 88 28.19 -4.32 10.36
CA ASP A 88 29.25 -4.92 9.55
C ASP A 88 28.64 -5.26 8.21
N THR A 89 29.43 -5.86 7.33
CA THR A 89 29.00 -6.03 5.95
C THR A 89 27.84 -7.05 5.84
N ALA A 90 27.76 -7.96 6.80
CA ALA A 90 26.69 -8.95 6.84
C ALA A 90 25.32 -8.34 7.13
N ASP A 91 25.29 -7.06 7.49
CA ASP A 91 24.02 -6.41 7.74
C ASP A 91 23.44 -5.85 6.44
N THR A 92 24.11 -6.15 5.33
CA THR A 92 23.66 -5.72 4.01
C THR A 92 22.50 -6.62 3.58
N ALA A 93 21.36 -6.00 3.28
CA ALA A 93 20.15 -6.76 2.97
C ALA A 93 19.01 -5.84 2.55
N THR A 94 17.92 -6.43 2.05
CA THR A 94 16.64 -5.72 2.00
C THR A 94 15.98 -5.79 3.39
N TYR A 95 15.46 -4.65 3.84
CA TYR A 95 14.79 -4.55 5.12
C TYR A 95 13.29 -4.30 4.94
N TYR A 96 12.48 -5.14 5.57
CA TYR A 96 11.02 -5.00 5.51
C TYR A 96 10.47 -4.65 6.88
N CYS A 97 9.55 -3.71 6.91
CA CYS A 97 8.64 -3.65 8.06
C CYS A 97 7.30 -4.19 7.60
N ALA A 98 6.53 -4.73 8.55
CA ALA A 98 5.25 -5.35 8.22
C ALA A 98 4.32 -5.26 9.43
N ARG A 99 3.01 -5.23 9.19
CA ARG A 99 2.12 -5.28 10.34
C ARG A 99 2.03 -6.69 10.93
N LEU A 100 2.29 -6.80 12.24
CA LEU A 100 2.08 -8.03 12.97
C LEU A 100 0.67 -8.04 13.58
N PHE A 101 -0.11 -9.05 13.22
CA PHE A 101 -1.36 -9.32 13.94
C PHE A 101 -1.08 -10.48 14.88
N THR A 102 -1.27 -10.25 16.17
CA THR A 102 -0.93 -11.24 17.19
C THR A 102 -2.03 -11.38 18.26
N THR A 103 -2.47 -12.61 18.50
CA THR A 103 -3.42 -12.91 19.58
C THR A 103 -2.93 -14.14 20.30
N THR A 104 -3.65 -14.52 21.35
CA THR A 104 -3.30 -15.68 22.16
C THR A 104 -3.44 -16.97 21.35
N THR A 105 -4.15 -16.89 20.22
CA THR A 105 -4.40 -18.08 19.37
C THR A 105 -3.98 -17.95 17.89
N SER A 106 -3.25 -16.90 17.53
CA SER A 106 -2.77 -16.75 16.15
C SER A 106 -1.65 -15.74 16.04
N GLY A 107 -0.87 -15.86 14.97
CA GLY A 107 0.15 -14.87 14.63
C GLY A 107 0.46 -14.90 13.14
N TYR A 108 0.63 -13.71 12.56
CA TYR A 108 0.98 -13.57 11.14
C TYR A 108 1.27 -12.12 10.72
N PHE A 109 2.06 -11.99 9.65
CA PHE A 109 2.31 -10.70 9.01
C PHE A 109 1.45 -10.68 7.74
N ASP A 110 0.30 -10.01 7.79
CA ASP A 110 -0.64 -10.08 6.67
C ASP A 110 -0.45 -8.96 5.65
N VAL A 111 0.26 -7.90 6.03
CA VAL A 111 0.62 -6.83 5.11
C VAL A 111 2.07 -6.40 5.31
N TRP A 112 2.85 -6.40 4.24
CA TRP A 112 4.26 -6.00 4.31
C TRP A 112 4.56 -4.70 3.57
N GLY A 113 5.69 -4.08 3.89
CA GLY A 113 6.12 -2.94 3.10
C GLY A 113 6.76 -3.48 1.84
N ALA A 114 7.06 -2.61 0.88
CA ALA A 114 7.76 -3.02 -0.35
C ALA A 114 9.22 -3.40 -0.08
N GLY A 115 9.75 -2.97 1.06
CA GLY A 115 11.15 -3.21 1.40
C GLY A 115 12.06 -2.04 1.03
N THR A 116 13.16 -1.88 1.77
CA THR A 116 14.17 -0.89 1.39
C THR A 116 15.55 -1.53 1.43
N THR A 117 16.37 -1.20 0.44
CA THR A 117 17.67 -1.83 0.24
C THR A 117 18.71 -1.11 1.10
N VAL A 118 19.54 -1.89 1.80
CA VAL A 118 20.58 -1.29 2.64
C VAL A 118 21.94 -1.91 2.33
N THR A 119 22.91 -1.07 2.02
CA THR A 119 24.25 -1.55 1.71
C THR A 119 25.26 -1.03 2.74
N VAL A 120 25.99 -1.96 3.36
CA VAL A 120 27.04 -1.59 4.31
C VAL A 120 28.42 -1.89 3.70
N SER A 121 29.17 -0.84 3.38
CA SER A 121 30.53 -1.04 2.88
C SER A 121 31.38 0.20 3.10
N SER A 122 32.70 0.01 3.04
CA SER A 122 33.64 1.13 3.13
C SER A 122 33.81 1.82 1.77
N ALA A 123 33.49 1.08 0.71
CA ALA A 123 33.67 1.57 -0.67
C ALA A 123 33.12 2.97 -0.93
N LYS A 124 33.68 3.64 -1.93
CA LYS A 124 33.18 4.94 -2.37
C LYS A 124 32.61 4.82 -3.78
N THR A 125 31.79 5.79 -4.17
CA THR A 125 31.27 5.81 -5.53
C THR A 125 32.42 5.66 -6.54
N THR A 126 32.27 4.71 -7.45
CA THR A 126 33.32 4.36 -8.38
C THR A 126 32.65 3.94 -9.68
N PRO A 127 33.00 4.62 -10.80
CA PRO A 127 32.44 4.25 -12.10
C PRO A 127 32.97 2.89 -12.51
N PRO A 128 32.25 2.19 -13.42
CA PRO A 128 32.73 0.89 -13.90
C PRO A 128 33.76 1.04 -15.02
N SER A 129 34.60 0.02 -15.23
CA SER A 129 35.39 -0.10 -16.45
C SER A 129 34.66 -1.07 -17.35
N VAL A 130 34.43 -0.68 -18.60
CA VAL A 130 33.73 -1.54 -19.55
C VAL A 130 34.69 -2.17 -20.55
N TYR A 131 34.77 -3.49 -20.56
CA TYR A 131 35.69 -4.17 -21.46
C TYR A 131 34.92 -5.03 -22.43
N PRO A 132 35.34 -5.00 -23.69
CA PRO A 132 34.71 -5.80 -24.76
C PRO A 132 35.10 -7.26 -24.61
N LEU A 133 34.14 -8.16 -24.83
CA LEU A 133 34.40 -9.60 -24.83
C LEU A 133 34.24 -10.15 -26.25
N ALA A 134 35.34 -10.24 -26.98
CA ALA A 134 35.30 -10.76 -28.35
C ALA A 134 35.97 -12.14 -28.41
N PRO A 135 35.52 -13.00 -29.34
CA PRO A 135 36.10 -14.34 -29.54
C PRO A 135 37.61 -14.32 -29.73
N ASN A 142 29.57 -22.03 -35.37
CA ASN A 142 28.30 -22.35 -36.02
C ASN A 142 27.59 -21.12 -36.60
N SER A 143 26.28 -21.23 -36.77
CA SER A 143 25.46 -20.15 -37.31
C SER A 143 25.31 -18.96 -36.35
N MET A 144 25.78 -19.16 -35.11
CA MET A 144 25.62 -18.18 -34.04
C MET A 144 26.96 -17.84 -33.41
N VAL A 145 27.14 -16.58 -33.04
CA VAL A 145 28.31 -16.18 -32.26
C VAL A 145 27.88 -15.46 -30.98
N THR A 146 28.64 -15.68 -29.90
CA THR A 146 28.35 -15.04 -28.63
C THR A 146 29.38 -13.96 -28.33
N LEU A 147 28.90 -12.78 -28.00
CA LEU A 147 29.77 -11.68 -27.63
C LEU A 147 29.43 -11.32 -26.20
N GLY A 148 30.24 -10.45 -25.61
CA GLY A 148 29.99 -10.05 -24.25
C GLY A 148 30.55 -8.70 -23.88
N CYS A 149 30.18 -8.26 -22.70
CA CYS A 149 30.59 -6.97 -22.16
C CYS A 149 30.96 -7.25 -20.71
N LEU A 150 32.20 -6.98 -20.33
CA LEU A 150 32.57 -7.09 -18.91
C LEU A 150 32.51 -5.72 -18.25
N VAL A 151 31.71 -5.61 -17.20
CA VAL A 151 31.53 -4.33 -16.51
C VAL A 151 32.09 -4.47 -15.10
N LYS A 152 33.25 -3.83 -14.88
CA LYS A 152 34.09 -4.18 -13.74
C LYS A 152 34.43 -3.01 -12.80
N GLY A 153 34.46 -3.31 -11.51
CA GLY A 153 34.92 -2.39 -10.49
C GLY A 153 34.06 -1.18 -10.16
N TYR A 154 32.73 -1.31 -10.20
CA TYR A 154 31.86 -0.18 -9.87
C TYR A 154 31.24 -0.27 -8.46
N PHE A 155 30.76 0.87 -7.98
CA PHE A 155 30.02 0.97 -6.71
C PHE A 155 29.27 2.30 -6.65
N PRO A 156 27.99 2.26 -6.25
CA PRO A 156 27.29 1.03 -5.84
C PRO A 156 26.41 0.49 -6.95
N GLU A 157 25.69 -0.60 -6.65
CA GLU A 157 24.64 -1.08 -7.55
C GLU A 157 23.56 -0.01 -7.76
N PRO A 158 22.81 -0.10 -8.87
CA PRO A 158 22.85 -1.10 -9.94
C PRO A 158 23.60 -0.58 -11.16
N VAL A 159 23.68 -1.44 -12.17
CA VAL A 159 24.17 -1.05 -13.46
C VAL A 159 23.17 -1.54 -14.49
N THR A 160 22.91 -0.74 -15.52
CA THR A 160 22.08 -1.18 -16.62
C THR A 160 22.95 -1.52 -17.81
N VAL A 161 22.70 -2.67 -18.44
CA VAL A 161 23.38 -3.03 -19.67
C VAL A 161 22.36 -3.32 -20.74
N THR A 162 22.61 -2.78 -21.92
CA THR A 162 21.71 -2.88 -23.06
C THR A 162 22.57 -3.21 -24.30
N TRP A 163 21.98 -3.79 -25.34
CA TRP A 163 22.71 -4.04 -26.58
C TRP A 163 22.11 -3.31 -27.80
N ASN A 164 22.97 -2.63 -28.56
CA ASN A 164 22.53 -1.74 -29.64
C ASN A 164 21.36 -0.86 -29.22
N SER A 165 21.56 -0.12 -28.14
CA SER A 165 20.54 0.77 -27.56
C SER A 165 19.16 0.15 -27.36
N GLY A 166 19.07 -1.17 -27.47
CA GLY A 166 17.82 -1.87 -27.24
C GLY A 166 17.41 -2.80 -28.36
N SER A 167 17.87 -2.51 -29.58
CA SER A 167 17.52 -3.29 -30.76
C SER A 167 17.77 -4.80 -30.60
N LEU A 168 18.88 -5.13 -29.95
CA LEU A 168 19.15 -6.51 -29.59
C LEU A 168 18.52 -6.81 -28.25
N SER A 169 17.47 -7.62 -28.25
CA SER A 169 16.78 -7.99 -27.01
C SER A 169 16.79 -9.49 -26.82
N SER A 170 16.59 -10.22 -27.91
CA SER A 170 16.65 -11.67 -27.87
C SER A 170 18.11 -12.08 -27.72
N GLY A 171 18.35 -13.23 -27.11
CA GLY A 171 19.70 -13.72 -26.92
C GLY A 171 20.58 -12.85 -26.04
N VAL A 172 19.98 -12.05 -25.17
CA VAL A 172 20.75 -11.27 -24.19
C VAL A 172 20.58 -11.84 -22.77
N HIS A 173 21.70 -12.10 -22.09
CA HIS A 173 21.71 -12.44 -20.66
C HIS A 173 22.54 -11.41 -19.94
N THR A 174 22.04 -10.83 -18.87
CA THR A 174 22.91 -10.03 -18.00
C THR A 174 23.00 -10.65 -16.60
N PHE A 175 24.21 -10.97 -16.19
CA PHE A 175 24.40 -11.75 -14.98
C PHE A 175 24.33 -10.90 -13.73
N PRO A 176 23.88 -11.50 -12.62
CA PRO A 176 23.86 -10.78 -11.33
C PRO A 176 25.27 -10.32 -10.97
N ALA A 177 25.39 -9.12 -10.43
CA ALA A 177 26.68 -8.62 -9.96
C ALA A 177 27.28 -9.53 -8.89
N VAL A 178 28.58 -9.37 -8.67
CA VAL A 178 29.32 -10.15 -7.70
C VAL A 178 30.37 -9.22 -7.10
N LEU A 179 30.58 -9.36 -5.80
CA LEU A 179 31.42 -8.44 -5.05
C LEU A 179 32.88 -8.87 -5.08
N GLN A 180 33.77 -7.95 -5.39
CA GLN A 180 35.20 -8.25 -5.46
C GLN A 180 36.02 -7.08 -4.92
N SER A 181 36.56 -7.26 -3.72
CA SER A 181 37.26 -6.20 -3.01
C SER A 181 36.42 -4.93 -2.92
N ASP A 182 35.27 -5.05 -2.25
CA ASP A 182 34.32 -3.95 -2.05
C ASP A 182 33.78 -3.34 -3.35
N LEU A 183 33.91 -4.07 -4.45
CA LEU A 183 33.47 -3.56 -5.74
C LEU A 183 32.71 -4.59 -6.57
N TYR A 184 31.72 -4.13 -7.32
CA TYR A 184 30.89 -5.01 -8.13
C TYR A 184 31.46 -5.26 -9.52
N THR A 185 31.25 -6.48 -10.01
CA THR A 185 31.63 -6.85 -11.36
C THR A 185 30.49 -7.70 -11.91
N LEU A 186 30.23 -7.49 -13.19
CA LEU A 186 29.08 -8.10 -13.84
C LEU A 186 29.44 -8.26 -15.31
N SER A 187 28.93 -9.30 -15.94
CA SER A 187 29.03 -9.44 -17.40
C SER A 187 27.68 -9.54 -18.09
N SER A 188 27.62 -9.06 -19.32
CA SER A 188 26.47 -9.27 -20.19
C SER A 188 26.86 -10.07 -21.43
N SER A 189 25.93 -10.90 -21.88
CA SER A 189 26.19 -11.80 -23.00
C SER A 189 25.15 -11.55 -24.09
N VAL A 190 25.59 -11.62 -25.34
CA VAL A 190 24.67 -11.48 -26.46
C VAL A 190 24.97 -12.50 -27.56
N THR A 191 23.96 -13.20 -28.02
CA THR A 191 24.14 -14.17 -29.10
C THR A 191 23.42 -13.68 -30.37
N VAL A 192 24.20 -13.37 -31.40
CA VAL A 192 23.67 -12.96 -32.70
C VAL A 192 24.20 -13.91 -33.77
N PRO A 193 23.55 -13.95 -34.95
CA PRO A 193 24.08 -14.78 -36.05
C PRO A 193 25.47 -14.33 -36.50
N SER A 194 26.30 -15.26 -36.96
CA SER A 194 27.68 -14.95 -37.34
C SER A 194 27.77 -14.02 -38.54
N SER A 195 26.66 -13.92 -39.27
CA SER A 195 26.59 -12.99 -40.38
C SER A 195 26.53 -11.51 -39.97
N PRO A 196 25.58 -11.11 -39.09
CA PRO A 196 25.53 -9.72 -38.62
C PRO A 196 26.78 -9.18 -37.92
N ARG A 197 27.83 -9.98 -37.80
CA ARG A 197 28.95 -9.58 -36.97
C ARG A 197 30.20 -10.41 -37.30
N PRO A 198 31.32 -9.74 -37.60
CA PRO A 198 31.53 -8.28 -37.53
C PRO A 198 31.04 -7.49 -38.72
N SER A 199 30.24 -8.08 -39.59
CA SER A 199 29.70 -7.35 -40.73
C SER A 199 28.97 -6.08 -40.26
N GLU A 200 28.10 -6.23 -39.28
CA GLU A 200 27.36 -5.11 -38.72
C GLU A 200 27.87 -4.80 -37.30
N THR A 201 27.35 -3.72 -36.71
CA THR A 201 27.87 -3.20 -35.45
C THR A 201 27.18 -3.76 -34.21
N VAL A 202 27.97 -4.35 -33.30
CA VAL A 202 27.46 -4.76 -32.00
C VAL A 202 28.15 -3.97 -30.90
N THR A 203 27.40 -3.13 -30.20
CA THR A 203 27.95 -2.41 -29.05
C THR A 203 27.10 -2.62 -27.81
N CYS A 204 27.74 -2.58 -26.65
CA CYS A 204 26.97 -2.67 -25.42
C CYS A 204 26.89 -1.28 -24.83
N ASN A 205 25.74 -1.00 -24.20
CA ASN A 205 25.52 0.32 -23.63
C ASN A 205 25.39 0.18 -22.13
N VAL A 206 26.21 0.92 -21.41
CA VAL A 206 26.33 0.74 -19.98
C VAL A 206 26.08 2.03 -19.21
N ALA A 207 25.18 1.97 -18.24
CA ALA A 207 24.90 3.13 -17.39
C ALA A 207 25.18 2.81 -15.93
N HIS A 208 25.77 3.77 -15.22
CA HIS A 208 25.99 3.67 -13.77
C HIS A 208 25.59 4.98 -13.14
N PRO A 209 24.28 5.11 -12.83
CA PRO A 209 23.64 6.39 -12.45
C PRO A 209 24.23 7.04 -11.18
N ALA A 210 24.71 6.24 -10.23
CA ALA A 210 25.32 6.81 -9.04
C ALA A 210 26.63 7.56 -9.32
N SER A 211 27.25 7.28 -10.47
CA SER A 211 28.49 7.95 -10.84
C SER A 211 28.30 8.74 -12.13
N SER A 212 27.05 8.82 -12.58
CA SER A 212 26.69 9.55 -13.80
C SER A 212 27.46 9.04 -15.02
N THR A 213 27.66 7.72 -15.08
CA THR A 213 28.42 7.10 -16.16
C THR A 213 27.48 6.55 -17.23
N LYS A 214 27.71 6.96 -18.47
CA LYS A 214 26.96 6.44 -19.61
C LYS A 214 27.92 6.17 -20.77
N VAL A 215 28.27 4.91 -21.02
CA VAL A 215 29.23 4.62 -22.09
C VAL A 215 28.79 3.53 -23.05
N ASP A 216 29.25 3.66 -24.29
CA ASP A 216 28.94 2.72 -25.35
C ASP A 216 30.26 2.11 -25.79
N LYS A 217 30.33 0.78 -25.83
CA LYS A 217 31.56 0.15 -26.28
C LYS A 217 31.32 -0.81 -27.44
N LYS A 218 31.84 -0.47 -28.62
CA LYS A 218 31.73 -1.34 -29.78
C LYS A 218 32.55 -2.60 -29.56
N ILE A 219 32.10 -3.71 -30.11
CA ILE A 219 32.88 -4.94 -30.02
C ILE A 219 33.54 -5.30 -31.35
N ALA A 220 34.83 -4.95 -31.47
CA ALA A 220 35.62 -5.23 -32.67
C ALA A 220 36.26 -6.62 -32.59
N ALA A 221 36.42 -7.29 -33.72
CA ALA A 221 36.91 -8.68 -33.73
C ALA A 221 38.42 -8.81 -33.48
N ASP B 1 18.09 -23.44 18.97
CA ASP B 1 16.86 -22.73 19.31
C ASP B 1 15.81 -23.40 18.46
N ILE B 2 14.62 -22.81 18.27
CA ILE B 2 13.62 -23.48 17.40
C ILE B 2 13.79 -23.19 15.91
N GLN B 3 14.23 -24.22 15.19
CA GLN B 3 14.67 -24.08 13.80
C GLN B 3 13.66 -24.69 12.85
N MET B 4 13.46 -24.03 11.72
CA MET B 4 12.61 -24.56 10.64
C MET B 4 13.48 -25.15 9.52
N THR B 5 13.23 -26.41 9.21
CA THR B 5 13.95 -27.09 8.13
C THR B 5 13.00 -27.34 6.95
N GLN B 6 13.12 -26.51 5.93
CA GLN B 6 12.21 -26.55 4.80
C GLN B 6 12.80 -27.38 3.66
N SER B 7 12.00 -28.25 3.06
CA SER B 7 12.48 -28.97 1.87
C SER B 7 11.35 -29.21 0.85
N PRO B 8 11.69 -29.35 -0.44
CA PRO B 8 13.02 -29.25 -1.05
C PRO B 8 13.42 -27.80 -1.23
N ALA B 9 14.71 -27.55 -1.42
CA ALA B 9 15.20 -26.21 -1.71
C ALA B 9 14.66 -25.75 -3.06
N SER B 10 14.51 -26.72 -3.96
CA SER B 10 14.17 -26.39 -5.34
C SER B 10 13.22 -27.45 -5.84
N LEU B 11 12.22 -27.04 -6.60
CA LEU B 11 11.23 -27.99 -7.12
C LEU B 11 10.83 -27.57 -8.53
N SER B 12 11.02 -28.46 -9.49
CA SER B 12 10.61 -28.22 -10.87
C SER B 12 9.22 -28.80 -11.08
N ALA B 13 8.33 -28.04 -11.72
CA ALA B 13 6.98 -28.53 -11.89
C ALA B 13 6.32 -27.97 -13.13
N SER B 14 5.15 -28.52 -13.47
CA SER B 14 4.39 -28.07 -14.64
C SER B 14 3.02 -27.57 -14.20
N VAL B 15 2.43 -26.63 -14.95
CA VAL B 15 1.06 -26.23 -14.65
C VAL B 15 0.16 -27.47 -14.69
N GLY B 16 -0.79 -27.57 -13.75
CA GLY B 16 -1.64 -28.74 -13.68
C GLY B 16 -1.18 -29.76 -12.64
N GLU B 17 0.12 -29.78 -12.36
CA GLU B 17 0.68 -30.69 -11.36
C GLU B 17 0.23 -30.33 -9.96
N THR B 18 0.28 -31.32 -9.08
CA THR B 18 0.07 -31.09 -7.66
C THR B 18 1.40 -31.33 -6.94
N VAL B 19 1.85 -30.36 -6.16
CA VAL B 19 3.12 -30.46 -5.47
C VAL B 19 2.92 -30.19 -3.98
N THR B 20 3.88 -30.61 -3.18
CA THR B 20 3.80 -30.38 -1.74
C THR B 20 5.18 -30.02 -1.17
N ILE B 21 5.22 -28.95 -0.37
CA ILE B 21 6.46 -28.44 0.22
C ILE B 21 6.40 -28.78 1.69
N THR B 22 7.52 -29.24 2.27
CA THR B 22 7.50 -29.62 3.67
C THR B 22 8.36 -28.75 4.58
N CYS B 23 7.92 -28.64 5.82
CA CYS B 23 8.62 -27.85 6.82
C CYS B 23 8.63 -28.62 8.13
N ARG B 24 9.81 -28.77 8.71
CA ARG B 24 9.94 -29.45 9.99
C ARG B 24 10.50 -28.49 11.03
N ALA B 25 9.82 -28.38 12.16
CA ALA B 25 10.35 -27.60 13.27
C ALA B 25 11.22 -28.49 14.17
N SER B 26 12.25 -27.89 14.76
CA SER B 26 13.16 -28.62 15.63
C SER B 26 12.49 -28.92 16.99
N GLY B 27 11.34 -28.30 17.24
CA GLY B 27 10.53 -28.57 18.42
C GLY B 27 9.06 -28.21 18.18
N ASN B 28 8.16 -28.82 18.96
CA ASN B 28 6.72 -28.56 18.84
C ASN B 28 6.41 -27.06 18.74
N ILE B 29 5.60 -26.67 17.76
CA ILE B 29 5.21 -25.25 17.63
C ILE B 29 3.71 -25.04 17.69
N TYR B 30 2.98 -26.12 17.94
CA TYR B 30 1.56 -26.03 18.30
C TYR B 30 0.71 -25.40 17.20
N ASN B 31 1.01 -25.81 15.97
CA ASN B 31 0.30 -25.34 14.78
C ASN B 31 0.49 -23.86 14.43
N TYR B 32 1.38 -23.16 15.12
CA TYR B 32 1.61 -21.76 14.83
C TYR B 32 2.63 -21.56 13.72
N LEU B 33 2.24 -21.95 12.50
CA LEU B 33 3.09 -21.88 11.32
C LEU B 33 2.43 -21.10 10.18
N ALA B 34 3.09 -20.04 9.71
CA ALA B 34 2.60 -19.29 8.55
C ALA B 34 3.37 -19.68 7.28
N TRP B 35 2.72 -19.55 6.12
CA TRP B 35 3.42 -19.68 4.82
C TRP B 35 3.31 -18.38 4.04
N TYR B 36 4.44 -17.98 3.46
CA TYR B 36 4.51 -16.78 2.66
C TYR B 36 4.99 -17.15 1.28
N GLN B 37 4.55 -16.36 0.31
CA GLN B 37 4.88 -16.57 -1.09
C GLN B 37 5.62 -15.32 -1.57
N GLN B 38 6.70 -15.51 -2.33
CA GLN B 38 7.50 -14.37 -2.78
C GLN B 38 7.78 -14.52 -4.27
N LYS B 39 7.34 -13.52 -5.02
CA LYS B 39 7.64 -13.42 -6.44
C LYS B 39 9.04 -12.84 -6.57
N GLN B 40 9.73 -13.20 -7.64
CA GLN B 40 11.06 -12.64 -7.94
C GLN B 40 11.05 -11.12 -7.82
N GLY B 41 11.90 -10.60 -6.92
CA GLY B 41 12.02 -9.15 -6.75
C GLY B 41 10.95 -8.49 -5.89
N LYS B 42 10.07 -9.26 -5.24
CA LYS B 42 8.91 -8.64 -4.57
C LYS B 42 8.88 -8.91 -3.07
N SER B 43 8.06 -8.15 -2.36
CA SER B 43 7.85 -8.40 -0.95
C SER B 43 6.91 -9.61 -0.79
N PRO B 44 7.19 -10.46 0.21
CA PRO B 44 6.44 -11.71 0.45
C PRO B 44 4.98 -11.44 0.84
N GLN B 45 4.06 -12.29 0.38
CA GLN B 45 2.67 -12.20 0.82
C GLN B 45 2.22 -13.43 1.62
N LEU B 46 1.38 -13.19 2.60
CA LEU B 46 0.84 -14.25 3.44
C LEU B 46 -0.10 -15.21 2.69
N LEU B 47 0.19 -16.50 2.72
CA LEU B 47 -0.70 -17.50 2.12
C LEU B 47 -1.53 -18.24 3.16
N VAL B 48 -0.88 -18.61 4.26
CA VAL B 48 -1.49 -19.51 5.24
C VAL B 48 -1.01 -19.13 6.62
N TYR B 49 -1.91 -19.18 7.61
CA TYR B 49 -1.48 -19.07 9.00
C TYR B 49 -2.12 -20.15 9.88
N ASN B 50 -1.65 -20.25 11.13
CA ASN B 50 -2.02 -21.38 12.00
C ASN B 50 -2.02 -22.71 11.22
N ALA B 51 -0.99 -22.91 10.40
CA ALA B 51 -0.73 -24.17 9.67
C ALA B 51 -1.70 -24.51 8.54
N LYS B 52 -2.99 -24.22 8.73
CA LYS B 52 -4.01 -24.65 7.78
C LYS B 52 -5.08 -23.59 7.46
N THR B 53 -5.04 -22.44 8.11
CA THR B 53 -5.97 -21.36 7.74
C THR B 53 -5.48 -20.47 6.58
N LEU B 54 -6.19 -20.52 5.46
CA LEU B 54 -5.90 -19.67 4.29
C LEU B 54 -6.15 -18.18 4.56
N ALA B 55 -5.21 -17.34 4.12
CA ALA B 55 -5.38 -15.90 4.22
C ALA B 55 -6.35 -15.45 3.15
N ASP B 56 -6.84 -14.22 3.28
CA ASP B 56 -7.65 -13.58 2.25
C ASP B 56 -6.94 -13.57 0.90
N GLY B 57 -7.71 -13.65 -0.17
CA GLY B 57 -7.15 -13.56 -1.51
C GLY B 57 -6.58 -14.86 -2.04
N VAL B 58 -6.59 -15.91 -1.22
CA VAL B 58 -5.92 -17.17 -1.55
C VAL B 58 -6.93 -18.27 -1.96
N PRO B 59 -6.73 -18.84 -3.17
CA PRO B 59 -7.60 -19.91 -3.72
C PRO B 59 -7.46 -21.24 -3.01
N SER B 60 -8.49 -22.07 -3.09
CA SER B 60 -8.58 -23.29 -2.31
C SER B 60 -7.65 -24.37 -2.84
N ARG B 61 -7.02 -24.14 -3.99
CA ARG B 61 -6.05 -25.13 -4.44
C ARG B 61 -4.79 -25.17 -3.54
N PHE B 62 -4.60 -24.16 -2.68
CA PHE B 62 -3.59 -24.18 -1.62
C PHE B 62 -4.21 -24.78 -0.33
N SER B 63 -3.47 -25.63 0.36
CA SER B 63 -3.90 -26.10 1.67
C SER B 63 -2.67 -26.32 2.53
N GLY B 64 -2.83 -26.15 3.84
CA GLY B 64 -1.77 -26.46 4.76
C GLY B 64 -2.20 -27.66 5.56
N SER B 65 -1.25 -28.33 6.21
CA SER B 65 -1.59 -29.45 7.05
C SER B 65 -0.45 -29.74 7.99
N GLY B 66 -0.66 -30.67 8.92
CA GLY B 66 0.37 -31.09 9.86
C GLY B 66 0.15 -30.65 11.29
N SER B 67 0.94 -31.22 12.20
CA SER B 67 0.95 -30.79 13.60
C SER B 67 2.29 -31.15 14.24
N GLY B 68 2.43 -30.83 15.52
CA GLY B 68 3.66 -31.11 16.23
C GLY B 68 4.84 -30.41 15.58
N THR B 69 5.67 -31.17 14.88
CA THR B 69 6.88 -30.62 14.25
C THR B 69 6.84 -30.75 12.72
N GLN B 70 5.82 -31.43 12.22
CA GLN B 70 5.75 -31.78 10.81
C GLN B 70 4.61 -31.05 10.12
N TYR B 71 4.96 -30.17 9.19
CA TYR B 71 3.94 -29.40 8.48
C TYR B 71 4.22 -29.42 7.00
N SER B 72 3.18 -29.22 6.21
CA SER B 72 3.40 -29.18 4.79
C SER B 72 2.45 -28.17 4.12
N LEU B 73 2.82 -27.76 2.92
CA LEU B 73 2.01 -26.87 2.12
C LEU B 73 1.79 -27.58 0.81
N LYS B 74 0.53 -27.67 0.40
CA LYS B 74 0.21 -28.46 -0.79
C LYS B 74 -0.48 -27.56 -1.81
N ILE B 75 -0.05 -27.65 -3.08
CA ILE B 75 -0.68 -26.88 -4.12
C ILE B 75 -1.29 -27.78 -5.19
N ASN B 76 -2.61 -27.83 -5.22
CA ASN B 76 -3.30 -28.61 -6.24
C ASN B 76 -3.34 -27.91 -7.58
N SER B 77 -2.94 -28.62 -8.63
CA SER B 77 -3.08 -28.12 -10.00
C SER B 77 -2.46 -26.75 -10.18
N LEU B 78 -1.13 -26.68 -10.08
CA LEU B 78 -0.37 -25.43 -10.24
C LEU B 78 -0.83 -24.58 -11.40
N GLN B 79 -0.81 -23.28 -11.20
CA GLN B 79 -1.12 -22.31 -12.24
C GLN B 79 0.08 -21.38 -12.35
N PRO B 80 0.24 -20.71 -13.51
CA PRO B 80 1.44 -19.91 -13.82
C PRO B 80 1.84 -18.93 -12.73
N GLU B 81 0.86 -18.25 -12.13
CA GLU B 81 1.14 -17.32 -11.06
C GLU B 81 1.71 -18.00 -9.80
N ASP B 82 1.67 -19.33 -9.73
CA ASP B 82 2.13 -20.04 -8.52
C ASP B 82 3.65 -20.17 -8.44
N PHE B 83 4.32 -20.07 -9.58
CA PHE B 83 5.78 -20.09 -9.64
C PHE B 83 6.45 -18.90 -8.95
N GLY B 84 7.43 -19.20 -8.09
CA GLY B 84 8.04 -18.21 -7.21
C GLY B 84 8.63 -18.94 -6.02
N SER B 85 8.89 -18.22 -4.93
CA SER B 85 9.46 -18.87 -3.75
C SER B 85 8.46 -18.93 -2.60
N TYR B 86 8.58 -19.98 -1.78
CA TYR B 86 7.70 -20.18 -0.62
C TYR B 86 8.50 -20.31 0.67
N PHE B 87 8.07 -19.63 1.72
CA PHE B 87 8.76 -19.70 3.01
C PHE B 87 7.76 -20.05 4.13
N CYS B 88 8.14 -20.98 5.02
CA CYS B 88 7.38 -21.14 6.25
C CYS B 88 8.03 -20.29 7.34
N GLN B 89 7.27 -20.04 8.41
CA GLN B 89 7.75 -19.27 9.55
C GLN B 89 6.93 -19.65 10.78
N HIS B 90 7.56 -19.84 11.94
CA HIS B 90 6.77 -20.19 13.12
C HIS B 90 6.54 -18.97 14.01
N PHE B 91 5.49 -19.03 14.82
CA PHE B 91 5.15 -17.95 15.73
C PHE B 91 5.12 -18.43 17.18
N TRP B 92 5.86 -19.50 17.45
CA TRP B 92 5.98 -20.00 18.82
C TRP B 92 7.14 -19.27 19.55
N ASP B 93 7.94 -20.00 20.34
CA ASP B 93 8.96 -19.37 21.19
C ASP B 93 9.91 -18.51 20.36
N THR B 94 10.14 -17.26 20.80
CA THR B 94 11.19 -16.48 20.18
C THR B 94 12.56 -17.13 20.44
N PRO B 95 13.51 -16.98 19.49
CA PRO B 95 13.35 -16.21 18.25
C PRO B 95 12.49 -16.89 17.18
N TRP B 96 11.62 -16.12 16.52
CA TRP B 96 10.89 -16.67 15.39
C TRP B 96 11.89 -16.93 14.27
N THR B 97 11.59 -17.96 13.50
CA THR B 97 12.54 -18.50 12.57
C THR B 97 11.80 -18.83 11.27
N PHE B 98 12.44 -18.59 10.12
CA PHE B 98 11.85 -18.89 8.81
C PHE B 98 12.52 -20.14 8.24
N GLY B 99 11.77 -20.91 7.46
CA GLY B 99 12.37 -21.96 6.65
C GLY B 99 13.25 -21.35 5.55
N GLY B 100 14.23 -22.11 5.07
CA GLY B 100 15.18 -21.62 4.09
C GLY B 100 14.56 -21.23 2.76
N GLY B 101 13.35 -21.69 2.50
CA GLY B 101 12.65 -21.35 1.25
C GLY B 101 12.64 -22.48 0.25
N THR B 102 11.62 -22.49 -0.61
CA THR B 102 11.54 -23.44 -1.71
C THR B 102 11.30 -22.64 -2.97
N LYS B 103 12.13 -22.87 -3.99
CA LYS B 103 11.93 -22.28 -5.29
C LYS B 103 11.10 -23.21 -6.13
N LEU B 104 9.89 -22.75 -6.48
CA LEU B 104 9.04 -23.52 -7.35
C LEU B 104 9.32 -23.03 -8.76
N GLU B 105 9.91 -23.90 -9.57
CA GLU B 105 10.40 -23.47 -10.87
C GLU B 105 9.75 -24.26 -12.01
N ILE B 106 9.90 -23.76 -13.23
CA ILE B 106 9.24 -24.39 -14.37
C ILE B 106 10.02 -25.56 -14.98
N LYS B 107 9.36 -26.70 -15.10
CA LYS B 107 9.92 -27.86 -15.78
C LYS B 107 10.01 -27.65 -17.30
N ARG B 108 11.08 -28.17 -17.91
CA ARG B 108 11.22 -28.18 -19.37
C ARG B 108 12.21 -29.25 -19.79
N ALA B 109 12.43 -29.34 -21.11
CA ALA B 109 13.34 -30.31 -21.68
C ALA B 109 14.78 -30.01 -21.27
N ASP B 110 15.53 -31.08 -21.01
CA ASP B 110 16.97 -30.97 -20.80
C ASP B 110 17.63 -30.26 -21.97
N ALA B 111 18.65 -29.47 -21.66
CA ALA B 111 19.39 -28.71 -22.67
C ALA B 111 20.83 -28.52 -22.19
N ALA B 112 21.75 -28.77 -23.12
CA ALA B 112 23.18 -28.63 -22.82
C ALA B 112 23.59 -27.17 -22.89
N PRO B 113 24.53 -26.78 -22.04
CA PRO B 113 24.99 -25.39 -22.09
C PRO B 113 25.78 -25.07 -23.37
N THR B 114 25.64 -23.85 -23.85
CA THR B 114 26.50 -23.32 -24.91
C THR B 114 27.63 -22.56 -24.21
N VAL B 115 28.85 -23.05 -24.37
CA VAL B 115 30.00 -22.53 -23.61
C VAL B 115 30.89 -21.64 -24.50
N SER B 116 31.31 -20.49 -23.97
CA SER B 116 32.15 -19.55 -24.69
C SER B 116 33.22 -18.98 -23.77
N ILE B 117 34.48 -18.95 -24.23
CA ILE B 117 35.58 -18.42 -23.41
C ILE B 117 36.14 -17.14 -24.03
N PHE B 118 36.61 -16.22 -23.19
CA PHE B 118 37.03 -14.91 -23.68
C PHE B 118 38.31 -14.47 -22.99
N PRO B 119 39.40 -14.33 -23.78
CA PRO B 119 40.65 -13.79 -23.25
C PRO B 119 40.40 -12.41 -22.70
N PRO B 120 41.16 -12.02 -21.68
CA PRO B 120 41.19 -10.63 -21.23
C PRO B 120 41.35 -9.69 -22.42
N SER B 121 40.67 -8.55 -22.40
CA SER B 121 40.73 -7.63 -23.51
C SER B 121 42.04 -6.85 -23.51
N SER B 122 42.43 -6.35 -24.69
CA SER B 122 43.55 -5.42 -24.81
C SER B 122 43.45 -4.31 -23.76
N GLU B 123 42.30 -3.66 -23.73
CA GLU B 123 42.12 -2.50 -22.85
CA GLU B 123 42.10 -2.50 -22.84
C GLU B 123 42.27 -2.84 -21.37
N GLN B 124 41.76 -4.00 -20.95
CA GLN B 124 41.91 -4.41 -19.54
C GLN B 124 43.39 -4.63 -19.19
N LEU B 125 44.11 -5.29 -20.10
CA LEU B 125 45.54 -5.54 -19.90
C LEU B 125 46.35 -4.26 -19.64
N THR B 126 46.08 -3.19 -20.40
CA THR B 126 46.81 -1.93 -20.20
C THR B 126 46.57 -1.29 -18.82
N SER B 127 45.46 -1.62 -18.17
CA SER B 127 45.11 -1.05 -16.85
C SER B 127 45.84 -1.72 -15.69
N GLY B 128 46.20 -2.99 -15.84
CA GLY B 128 46.90 -3.69 -14.78
C GLY B 128 46.23 -4.98 -14.32
N GLY B 129 45.18 -5.39 -15.01
CA GLY B 129 44.45 -6.60 -14.65
C GLY B 129 44.13 -7.49 -15.83
N ALA B 130 43.67 -8.71 -15.52
CA ALA B 130 43.32 -9.69 -16.54
C ALA B 130 42.20 -10.64 -16.05
N SER B 131 41.00 -10.48 -16.57
CA SER B 131 39.91 -11.38 -16.24
C SER B 131 39.66 -12.25 -17.43
N VAL B 132 39.51 -13.55 -17.18
CA VAL B 132 39.20 -14.49 -18.25
C VAL B 132 37.75 -14.86 -18.02
N VAL B 133 36.90 -14.67 -19.02
CA VAL B 133 35.50 -15.01 -18.76
C VAL B 133 34.95 -16.13 -19.62
N CYS B 134 34.12 -16.92 -18.97
CA CYS B 134 33.49 -18.05 -19.58
C CYS B 134 31.98 -17.97 -19.37
N PHE B 135 31.21 -18.13 -20.45
CA PHE B 135 29.76 -18.15 -20.37
C PHE B 135 29.24 -19.56 -20.56
N LEU B 136 28.36 -19.99 -19.67
CA LEU B 136 27.65 -21.24 -19.87
C LEU B 136 26.17 -20.90 -20.03
N ASN B 137 25.73 -20.81 -21.27
CA ASN B 137 24.40 -20.29 -21.57
C ASN B 137 23.33 -21.34 -21.85
N ASN B 138 22.11 -21.02 -21.44
CA ASN B 138 20.89 -21.74 -21.81
C ASN B 138 20.85 -23.24 -21.61
N PHE B 139 21.19 -23.67 -20.41
CA PHE B 139 21.08 -25.09 -20.10
C PHE B 139 19.87 -25.37 -19.22
N TYR B 140 19.55 -26.66 -19.11
CA TYR B 140 18.54 -27.16 -18.21
C TYR B 140 18.86 -28.63 -17.99
N PRO B 141 18.80 -29.10 -16.74
CA PRO B 141 18.45 -28.35 -15.52
C PRO B 141 19.56 -27.43 -15.00
N LYS B 142 19.24 -26.72 -13.92
CA LYS B 142 20.06 -25.63 -13.40
C LYS B 142 21.37 -26.10 -12.75
N ASP B 143 21.44 -27.39 -12.43
CA ASP B 143 22.62 -27.93 -11.76
C ASP B 143 23.82 -28.06 -12.70
N ILE B 144 24.96 -27.45 -12.34
CA ILE B 144 26.10 -27.43 -13.24
C ILE B 144 27.44 -27.17 -12.54
N ASN B 145 28.51 -27.66 -13.14
CA ASN B 145 29.85 -27.48 -12.59
C ASN B 145 30.84 -26.92 -13.61
N VAL B 146 31.69 -26.00 -13.16
CA VAL B 146 32.70 -25.42 -14.02
C VAL B 146 34.08 -25.61 -13.42
N LYS B 147 35.02 -26.09 -14.22
CA LYS B 147 36.40 -26.22 -13.81
C LYS B 147 37.30 -25.31 -14.65
N TRP B 148 38.20 -24.58 -13.99
CA TRP B 148 39.22 -23.83 -14.68
C TRP B 148 40.55 -24.57 -14.69
N LYS B 149 41.26 -24.52 -15.80
CA LYS B 149 42.62 -25.07 -15.84
C LYS B 149 43.57 -24.05 -16.46
N ILE B 150 44.74 -23.90 -15.84
CA ILE B 150 45.81 -23.12 -16.42
C ILE B 150 46.98 -24.06 -16.77
N ASP B 151 47.48 -23.97 -18.01
CA ASP B 151 48.51 -24.88 -18.51
C ASP B 151 48.25 -26.35 -18.10
N GLY B 152 46.99 -26.76 -18.20
CA GLY B 152 46.62 -28.15 -17.94
C GLY B 152 46.23 -28.47 -16.50
N SER B 153 46.53 -27.56 -15.58
CA SER B 153 46.30 -27.86 -14.17
C SER B 153 45.15 -27.05 -13.59
N GLU B 154 44.28 -27.72 -12.85
CA GLU B 154 43.12 -27.08 -12.25
C GLU B 154 43.49 -25.89 -11.37
N ARG B 155 42.68 -24.83 -11.45
CA ARG B 155 42.89 -23.60 -10.69
C ARG B 155 41.58 -23.24 -10.02
N GLN B 156 41.64 -22.74 -8.78
CA GLN B 156 40.43 -22.42 -8.02
C GLN B 156 40.44 -21.03 -7.40
N ASN B 157 41.65 -20.55 -7.06
CA ASN B 157 41.78 -19.19 -6.56
C ASN B 157 41.43 -18.16 -7.64
N GLY B 158 40.60 -17.18 -7.28
CA GLY B 158 40.32 -16.09 -8.18
C GLY B 158 39.15 -16.31 -9.13
N VAL B 159 38.46 -17.44 -8.99
CA VAL B 159 37.26 -17.64 -9.79
C VAL B 159 36.00 -17.23 -9.06
N LEU B 160 35.17 -16.46 -9.77
CA LEU B 160 33.90 -15.97 -9.27
C LEU B 160 32.78 -16.38 -10.21
N ASN B 161 31.78 -17.06 -9.65
CA ASN B 161 30.65 -17.57 -10.42
C ASN B 161 29.41 -16.72 -10.17
N SER B 162 28.55 -16.64 -11.18
CA SER B 162 27.28 -15.93 -11.07
C SER B 162 26.24 -16.68 -11.89
N TRP B 163 25.05 -16.83 -11.34
CA TRP B 163 24.01 -17.63 -11.99
C TRP B 163 22.79 -16.77 -12.20
N THR B 164 22.18 -16.86 -13.38
CA THR B 164 20.90 -16.17 -13.61
C THR B 164 19.75 -16.92 -12.95
N ASP B 165 18.66 -16.20 -12.72
CA ASP B 165 17.40 -16.81 -12.33
C ASP B 165 16.82 -17.50 -13.57
N GLN B 166 15.82 -18.36 -13.39
CA GLN B 166 15.21 -19.03 -14.52
C GLN B 166 14.71 -18.00 -15.53
N ASP B 167 14.97 -18.25 -16.80
CA ASP B 167 14.56 -17.34 -17.85
C ASP B 167 13.05 -17.36 -18.03
N SER B 168 12.45 -16.17 -18.08
CA SER B 168 11.00 -16.03 -18.17
C SER B 168 10.43 -16.51 -19.52
N LYS B 169 11.28 -16.59 -20.54
CA LYS B 169 10.82 -16.92 -21.89
C LYS B 169 11.03 -18.39 -22.30
N ASP B 170 12.23 -18.92 -22.09
CA ASP B 170 12.51 -20.32 -22.44
C ASP B 170 12.77 -21.27 -21.26
N SER B 171 12.62 -20.76 -20.04
CA SER B 171 12.72 -21.58 -18.82
C SER B 171 14.09 -22.22 -18.64
N THR B 172 15.10 -21.59 -19.22
CA THR B 172 16.44 -22.12 -19.25
C THR B 172 17.30 -21.40 -18.18
N TYR B 173 18.49 -21.90 -17.86
CA TYR B 173 19.39 -21.19 -16.93
C TYR B 173 20.72 -20.83 -17.61
N SER B 174 21.43 -19.82 -17.07
CA SER B 174 22.77 -19.48 -17.55
C SER B 174 23.67 -19.15 -16.37
N MET B 175 24.99 -19.28 -16.57
CA MET B 175 25.98 -18.82 -15.59
C MET B 175 27.25 -18.29 -16.24
N SER B 176 27.89 -17.35 -15.55
CA SER B 176 29.19 -16.86 -15.98
C SER B 176 30.22 -17.26 -14.95
N SER B 177 31.40 -17.64 -15.43
CA SER B 177 32.50 -17.96 -14.54
C SER B 177 33.70 -17.13 -14.93
N THR B 178 34.21 -16.35 -13.98
CA THR B 178 35.26 -15.39 -14.27
C THR B 178 36.51 -15.65 -13.44
N LEU B 179 37.60 -15.98 -14.13
CA LEU B 179 38.92 -16.13 -13.51
C LEU B 179 39.68 -14.83 -13.57
N THR B 180 39.99 -14.29 -12.40
CA THR B 180 40.72 -13.02 -12.32
C THR B 180 42.15 -13.23 -11.85
N LEU B 181 43.11 -12.91 -12.71
CA LEU B 181 44.53 -12.93 -12.40
C LEU B 181 45.11 -11.52 -12.49
N THR B 182 46.33 -11.34 -12.01
CA THR B 182 47.04 -10.11 -12.32
C THR B 182 47.50 -10.20 -13.77
N LYS B 183 47.74 -9.04 -14.38
CA LYS B 183 48.30 -8.97 -15.71
C LYS B 183 49.54 -9.87 -15.85
N ASP B 184 50.46 -9.75 -14.90
CA ASP B 184 51.73 -10.47 -14.99
C ASP B 184 51.59 -11.99 -14.72
N GLU B 185 50.66 -12.36 -13.86
CA GLU B 185 50.36 -13.78 -13.67
C GLU B 185 49.74 -14.39 -14.94
N TYR B 186 48.79 -13.66 -15.52
CA TYR B 186 48.20 -14.07 -16.79
C TYR B 186 49.27 -14.32 -17.86
N GLU B 187 50.34 -13.52 -17.82
CA GLU B 187 51.33 -13.60 -18.89
C GLU B 187 52.41 -14.63 -18.68
N ARG B 188 52.47 -15.22 -17.48
CA ARG B 188 53.40 -16.30 -17.22
C ARG B 188 52.87 -17.67 -17.64
N HIS B 189 51.69 -17.68 -18.25
CA HIS B 189 51.07 -18.92 -18.73
C HIS B 189 50.41 -18.74 -20.06
N ASN B 190 50.15 -19.86 -20.72
CA ASN B 190 49.71 -19.83 -22.11
C ASN B 190 48.33 -20.46 -22.32
N SER B 191 48.07 -21.58 -21.65
CA SER B 191 46.83 -22.30 -21.88
C SER B 191 45.78 -21.95 -20.84
N TYR B 192 44.57 -21.62 -21.29
CA TYR B 192 43.47 -21.29 -20.40
C TYR B 192 42.23 -22.05 -20.83
N THR B 193 41.62 -22.73 -19.86
CA THR B 193 40.60 -23.72 -20.16
C THR B 193 39.43 -23.69 -19.19
N CYS B 194 38.23 -23.70 -19.77
CA CYS B 194 36.99 -23.63 -19.03
C CYS B 194 36.23 -24.90 -19.37
N GLU B 195 35.87 -25.67 -18.35
CA GLU B 195 35.24 -26.97 -18.56
C GLU B 195 33.88 -27.03 -17.88
N ALA B 196 32.86 -27.36 -18.65
CA ALA B 196 31.50 -27.41 -18.08
C ALA B 196 31.04 -28.85 -17.94
N THR B 197 30.57 -29.21 -16.75
CA THR B 197 29.99 -30.53 -16.54
C THR B 197 28.51 -30.46 -16.16
N HIS B 198 27.68 -31.11 -16.96
CA HIS B 198 26.23 -30.99 -16.85
C HIS B 198 25.65 -32.35 -17.22
N LYS B 199 24.51 -32.73 -16.64
CA LYS B 199 23.99 -34.08 -16.84
C LYS B 199 23.60 -34.43 -18.28
N THR B 200 23.62 -33.45 -19.18
CA THR B 200 23.26 -33.70 -20.58
C THR B 200 24.35 -34.47 -21.37
N SER B 201 25.53 -34.57 -20.78
CA SER B 201 26.60 -35.39 -21.35
C SER B 201 27.47 -35.92 -20.24
N THR B 202 28.01 -37.11 -20.44
CA THR B 202 28.89 -37.70 -19.44
C THR B 202 30.30 -37.07 -19.60
N SER B 203 30.61 -36.62 -20.81
CA SER B 203 31.86 -35.91 -21.06
C SER B 203 31.67 -34.38 -21.01
N PRO B 204 32.51 -33.68 -20.23
CA PRO B 204 32.46 -32.21 -20.10
C PRO B 204 32.67 -31.44 -21.40
N ILE B 205 32.06 -30.25 -21.49
CA ILE B 205 32.27 -29.34 -22.61
C ILE B 205 33.47 -28.46 -22.32
N VAL B 206 34.39 -28.40 -23.28
CA VAL B 206 35.70 -27.79 -23.06
C VAL B 206 35.93 -26.62 -24.01
N LYS B 207 36.15 -25.44 -23.44
CA LYS B 207 36.51 -24.28 -24.24
C LYS B 207 37.88 -23.79 -23.79
N SER B 208 38.71 -23.44 -24.75
CA SER B 208 40.11 -23.22 -24.44
C SER B 208 40.72 -22.26 -25.42
N PHE B 209 41.71 -21.49 -24.95
CA PHE B 209 42.51 -20.67 -25.85
C PHE B 209 43.95 -20.58 -25.35
N ASN B 210 44.84 -20.24 -26.27
CA ASN B 210 46.24 -19.95 -25.95
C ASN B 210 46.50 -18.47 -26.08
N ARG B 211 47.15 -17.90 -25.07
CA ARG B 211 47.56 -16.49 -25.11
C ARG B 211 48.42 -16.15 -26.36
N ASN B 212 48.95 -17.18 -27.00
CA ASN B 212 49.75 -17.11 -28.23
C ASN B 212 51.18 -16.63 -28.00
N LYS C 2 -1.88 -24.74 22.51
CA LYS C 2 -1.53 -23.80 23.57
C LYS C 2 -1.79 -22.35 23.20
N LEU C 3 -1.95 -21.50 24.21
CA LEU C 3 -2.04 -20.07 23.99
C LEU C 3 -0.64 -19.52 23.78
N ARG C 4 -0.55 -18.38 23.10
CA ARG C 4 0.73 -17.71 22.93
C ARG C 4 0.87 -16.60 23.95
N GLY C 5 2.04 -16.52 24.55
CA GLY C 5 2.26 -15.57 25.61
C GLY C 5 3.56 -14.84 25.38
N VAL C 6 4.12 -14.34 26.46
CA VAL C 6 5.31 -13.49 26.43
C VAL C 6 6.46 -14.20 25.72
N LEU C 7 6.73 -15.44 26.11
CA LEU C 7 7.87 -16.16 25.57
C LEU C 7 7.75 -16.48 24.08
N GLN C 8 6.54 -16.33 23.53
CA GLN C 8 6.38 -16.51 22.11
C GLN C 8 6.14 -15.18 21.39
N GLY C 9 6.52 -14.09 22.07
CA GLY C 9 6.55 -12.77 21.47
C GLY C 9 5.21 -12.06 21.44
N HIS C 10 4.26 -12.51 22.27
CA HIS C 10 2.93 -11.91 22.30
C HIS C 10 2.56 -11.25 23.64
N LEU C 11 1.78 -10.17 23.57
CA LEU C 11 1.30 -9.43 24.74
C LEU C 11 -0.14 -8.95 24.52
N GLN D 1 3.56 -5.28 -1.78
CA GLN D 1 2.25 -5.73 -1.30
C GLN D 1 1.12 -5.58 -2.35
N VAL D 2 -0.12 -5.94 -1.97
CA VAL D 2 -1.26 -5.66 -2.85
C VAL D 2 -1.66 -4.20 -2.67
N THR D 3 -1.65 -3.42 -3.75
CA THR D 3 -1.98 -1.99 -3.65
C THR D 3 -2.76 -1.52 -4.88
N LEU D 4 -3.60 -0.52 -4.69
CA LEU D 4 -4.33 0.06 -5.79
C LEU D 4 -4.33 1.55 -5.58
N LYS D 5 -4.23 2.29 -6.69
CA LYS D 5 -4.20 3.76 -6.66
C LYS D 5 -5.07 4.31 -7.81
N GLU D 6 -6.04 5.12 -7.46
CA GLU D 6 -6.92 5.77 -8.43
C GLU D 6 -6.28 7.09 -8.88
N SER D 7 -6.44 7.39 -10.15
CA SER D 7 -6.03 8.68 -10.68
C SER D 7 -7.07 9.12 -11.70
N GLY D 8 -7.39 10.40 -11.66
CA GLY D 8 -8.25 11.04 -12.64
C GLY D 8 -8.08 12.53 -12.51
N PRO D 9 -8.90 13.31 -13.23
CA PRO D 9 -8.83 14.76 -13.00
C PRO D 9 -9.73 15.05 -11.81
N GLY D 10 -9.44 16.06 -11.03
CA GLY D 10 -10.23 16.29 -9.83
C GLY D 10 -11.57 16.89 -10.16
N ILE D 11 -11.58 17.82 -11.12
CA ILE D 11 -12.76 18.62 -11.44
C ILE D 11 -13.11 18.49 -12.94
N LEU D 12 -14.39 18.27 -13.25
CA LEU D 12 -14.88 18.35 -14.62
C LEU D 12 -16.24 19.02 -14.70
N GLN D 13 -16.59 19.38 -15.93
CA GLN D 13 -17.82 20.12 -16.21
C GLN D 13 -18.91 19.13 -16.59
N PRO D 14 -20.17 19.48 -16.28
CA PRO D 14 -21.29 18.60 -16.62
C PRO D 14 -21.27 18.25 -18.10
N SER D 15 -21.67 17.02 -18.44
CA SER D 15 -21.66 16.46 -19.80
C SER D 15 -20.29 15.94 -20.23
N GLN D 16 -19.22 16.33 -19.54
CA GLN D 16 -17.92 15.76 -19.88
C GLN D 16 -17.83 14.27 -19.53
N THR D 17 -16.80 13.61 -20.05
CA THR D 17 -16.55 12.21 -19.70
C THR D 17 -15.56 12.13 -18.54
N LEU D 18 -15.95 11.38 -17.51
CA LEU D 18 -15.06 11.07 -16.40
C LEU D 18 -14.17 9.90 -16.77
N SER D 19 -12.86 10.13 -16.75
CA SER D 19 -11.90 9.05 -17.01
C SER D 19 -11.14 8.78 -15.74
N LEU D 20 -11.20 7.55 -15.24
CA LEU D 20 -10.38 7.19 -14.08
C LEU D 20 -9.51 5.97 -14.38
N THR D 21 -8.29 6.01 -13.89
CA THR D 21 -7.38 4.89 -14.06
C THR D 21 -7.13 4.25 -12.69
N CYS D 22 -7.12 2.92 -12.64
CA CYS D 22 -6.69 2.23 -11.44
C CYS D 22 -5.37 1.53 -11.71
N SER D 23 -4.32 1.94 -11.00
CA SER D 23 -3.01 1.29 -11.13
C SER D 23 -2.72 0.39 -9.95
N PHE D 24 -2.49 -0.89 -10.20
CA PHE D 24 -2.31 -1.83 -9.10
C PHE D 24 -1.03 -2.61 -9.22
N SER D 25 -0.64 -3.23 -8.10
CA SER D 25 0.44 -4.21 -8.08
C SER D 25 0.19 -5.22 -6.95
N GLY D 26 0.99 -6.27 -6.90
CA GLY D 26 0.84 -7.27 -5.86
C GLY D 26 -0.08 -8.39 -6.29
N PHE D 27 -0.77 -8.20 -7.42
CA PHE D 27 -1.58 -9.29 -7.98
C PHE D 27 -1.71 -9.06 -9.49
N SER D 28 -2.18 -10.07 -10.21
CA SER D 28 -2.35 -9.93 -11.65
C SER D 28 -3.79 -10.19 -12.13
N LEU D 29 -4.23 -9.43 -13.12
CA LEU D 29 -5.52 -9.71 -13.73
C LEU D 29 -5.52 -10.94 -14.65
N SER D 30 -4.39 -11.65 -14.73
CA SER D 30 -4.38 -12.93 -15.42
C SER D 30 -4.68 -14.04 -14.44
N THR D 31 -4.59 -13.71 -13.15
CA THR D 31 -4.83 -14.72 -12.13
C THR D 31 -6.32 -14.98 -11.96
N SER D 32 -6.69 -16.26 -11.99
CA SER D 32 -8.03 -16.72 -11.61
C SER D 32 -8.54 -16.09 -10.30
N ASN D 33 -9.85 -15.88 -10.23
CA ASN D 33 -10.55 -15.36 -9.04
C ASN D 33 -10.29 -13.88 -8.71
N MET D 34 -9.50 -13.22 -9.55
CA MET D 34 -9.16 -11.82 -9.29
C MET D 34 -9.97 -10.90 -10.17
N GLY D 35 -10.25 -9.72 -9.66
CA GLY D 35 -10.99 -8.73 -10.42
C GLY D 35 -10.71 -7.35 -9.84
N VAL D 36 -11.11 -6.32 -10.59
CA VAL D 36 -11.04 -4.97 -10.08
C VAL D 36 -12.43 -4.31 -10.13
N VAL D 37 -12.86 -3.78 -8.98
CA VAL D 37 -14.17 -3.15 -8.84
C VAL D 37 -14.04 -1.63 -8.67
N TRP D 38 -15.05 -0.88 -9.13
CA TRP D 38 -15.13 0.54 -8.81
C TRP D 38 -16.35 0.83 -7.93
N ILE D 39 -16.12 1.62 -6.88
CA ILE D 39 -17.15 1.93 -5.90
C ILE D 39 -17.08 3.44 -5.74
N ARG D 40 -18.19 4.12 -5.50
CA ARG D 40 -18.09 5.55 -5.20
C ARG D 40 -18.87 5.88 -3.96
N GLN D 41 -18.56 7.01 -3.36
CA GLN D 41 -19.23 7.42 -2.14
C GLN D 41 -19.30 8.95 -2.09
N PRO D 42 -20.50 9.52 -2.24
CA PRO D 42 -20.61 10.98 -2.09
C PRO D 42 -20.28 11.35 -0.65
N SER D 43 -19.72 12.54 -0.46
CA SER D 43 -19.25 12.98 0.86
C SER D 43 -20.30 12.79 1.96
N GLY D 44 -19.92 12.06 3.00
CA GLY D 44 -20.81 11.81 4.15
C GLY D 44 -22.02 10.96 3.83
N LYS D 45 -22.02 10.30 2.68
CA LYS D 45 -23.14 9.45 2.29
C LYS D 45 -22.70 7.99 2.25
N GLY D 46 -23.49 7.16 1.56
CA GLY D 46 -23.22 5.75 1.49
C GLY D 46 -22.40 5.33 0.28
N LEU D 47 -22.17 4.02 0.17
CA LEU D 47 -21.35 3.50 -0.91
C LEU D 47 -22.22 2.93 -2.01
N GLU D 48 -21.75 3.03 -3.24
CA GLU D 48 -22.50 2.55 -4.39
C GLU D 48 -21.57 1.71 -5.29
N TRP D 49 -22.00 0.50 -5.64
CA TRP D 49 -21.30 -0.35 -6.60
C TRP D 49 -21.50 0.15 -8.04
N LEU D 50 -20.42 0.34 -8.79
CA LEU D 50 -20.53 0.87 -10.16
C LEU D 50 -20.39 -0.23 -11.19
N LEU D 51 -19.25 -0.91 -11.15
CA LEU D 51 -18.96 -2.05 -12.01
C LEU D 51 -17.72 -2.81 -11.57
N HIS D 52 -17.49 -3.96 -12.18
CA HIS D 52 -16.20 -4.61 -12.03
C HIS D 52 -15.81 -5.36 -13.28
N ILE D 53 -14.51 -5.59 -13.41
CA ILE D 53 -13.95 -6.39 -14.49
C ILE D 53 -13.16 -7.59 -13.93
N LEU D 54 -13.34 -8.74 -14.55
CA LEU D 54 -12.69 -9.95 -14.05
C LEU D 54 -11.46 -10.36 -14.89
N TRP D 55 -10.70 -11.29 -14.36
CA TRP D 55 -9.57 -11.89 -15.07
C TRP D 55 -10.04 -12.53 -16.38
N ASN D 56 -11.30 -12.98 -16.37
CA ASN D 56 -12.00 -13.51 -17.53
C ASN D 56 -12.22 -12.54 -18.68
N ASP D 57 -12.05 -11.25 -18.38
CA ASP D 57 -12.60 -10.16 -19.21
C ASP D 57 -14.14 -10.09 -19.07
N GLY D 58 -14.70 -10.88 -18.16
CA GLY D 58 -16.09 -10.70 -17.76
C GLY D 58 -16.32 -9.31 -17.16
N LYS D 59 -17.42 -8.66 -17.53
CA LYS D 59 -17.71 -7.30 -17.05
C LYS D 59 -19.12 -7.19 -16.50
N PHE D 60 -19.29 -6.45 -15.41
CA PHE D 60 -20.59 -6.39 -14.76
C PHE D 60 -20.84 -4.97 -14.37
N TYR D 61 -22.08 -4.51 -14.53
CA TYR D 61 -22.37 -3.08 -14.42
C TYR D 61 -23.62 -2.83 -13.58
N ASN D 62 -23.63 -1.75 -12.81
CA ASN D 62 -24.87 -1.31 -12.20
C ASN D 62 -25.77 -0.80 -13.32
N PRO D 63 -26.95 -1.44 -13.48
CA PRO D 63 -27.87 -1.17 -14.60
C PRO D 63 -28.32 0.29 -14.63
N ALA D 64 -28.27 0.96 -13.49
CA ALA D 64 -28.68 2.35 -13.37
C ALA D 64 -27.77 3.29 -14.13
N LEU D 65 -26.56 2.84 -14.43
CA LEU D 65 -25.53 3.68 -15.04
C LEU D 65 -24.98 3.01 -16.27
N LYS D 66 -25.39 1.76 -16.47
CA LYS D 66 -24.83 0.86 -17.48
C LYS D 66 -24.48 1.56 -18.82
N SER D 67 -25.44 2.29 -19.38
CA SER D 67 -25.29 2.90 -20.70
C SER D 67 -24.24 4.02 -20.73
N ARG D 68 -23.88 4.52 -19.55
CA ARG D 68 -22.85 5.54 -19.42
C ARG D 68 -21.46 4.99 -19.06
N LEU D 69 -21.36 3.68 -18.85
CA LEU D 69 -20.14 3.11 -18.30
C LEU D 69 -19.32 2.31 -19.30
N THR D 70 -18.00 2.46 -19.20
CA THR D 70 -17.05 1.72 -20.01
C THR D 70 -15.93 1.25 -19.09
N ILE D 71 -15.52 0.00 -19.23
CA ILE D 71 -14.35 -0.45 -18.49
C ILE D 71 -13.47 -1.42 -19.29
N SER D 72 -12.17 -1.16 -19.28
CA SER D 72 -11.23 -2.06 -19.92
C SER D 72 -10.06 -2.30 -18.97
N LYS D 73 -9.19 -3.24 -19.33
CA LYS D 73 -8.01 -3.50 -18.53
C LYS D 73 -6.76 -3.61 -19.40
N ASP D 74 -5.63 -3.26 -18.81
CA ASP D 74 -4.33 -3.49 -19.41
C ASP D 74 -3.57 -4.47 -18.51
N THR D 75 -3.68 -5.76 -18.80
CA THR D 75 -3.13 -6.78 -17.90
C THR D 75 -1.62 -6.63 -17.71
N TYR D 76 -0.86 -6.73 -18.79
CA TYR D 76 0.51 -6.26 -18.76
C TYR D 76 0.37 -4.78 -18.43
N ASN D 77 1.23 -4.24 -17.57
CA ASN D 77 1.11 -2.87 -17.02
C ASN D 77 0.15 -2.66 -15.82
N ASN D 78 -0.72 -3.64 -15.58
CA ASN D 78 -1.55 -3.66 -14.35
C ASN D 78 -2.41 -2.42 -14.12
N GLN D 79 -3.34 -2.18 -15.03
CA GLN D 79 -4.15 -0.98 -14.97
C GLN D 79 -5.53 -1.31 -15.48
N VAL D 80 -6.52 -0.63 -14.92
CA VAL D 80 -7.88 -0.75 -15.39
C VAL D 80 -8.35 0.67 -15.69
N PHE D 81 -9.13 0.83 -16.76
CA PHE D 81 -9.61 2.15 -17.14
C PHE D 81 -11.13 2.25 -17.04
N LEU D 82 -11.58 3.22 -16.25
CA LEU D 82 -13.01 3.48 -16.09
C LEU D 82 -13.39 4.77 -16.84
N LYS D 83 -14.48 4.71 -17.59
CA LYS D 83 -15.04 5.90 -18.23
C LYS D 83 -16.52 6.03 -17.89
N ILE D 84 -16.92 7.21 -17.40
CA ILE D 84 -18.32 7.50 -17.19
C ILE D 84 -18.72 8.70 -18.08
N ALA D 85 -19.57 8.43 -19.07
CA ALA D 85 -19.97 9.46 -20.00
C ALA D 85 -20.99 10.41 -19.37
N ASN D 86 -21.01 11.66 -19.84
CA ASN D 86 -22.10 12.58 -19.58
C ASN D 86 -22.39 12.88 -18.11
N VAL D 87 -21.39 13.38 -17.40
CA VAL D 87 -21.50 13.58 -15.96
C VAL D 87 -22.36 14.77 -15.57
N ASP D 88 -23.02 14.69 -14.41
CA ASP D 88 -23.67 15.84 -13.83
C ASP D 88 -23.28 15.89 -12.36
N THR D 89 -23.92 16.79 -11.61
CA THR D 89 -23.45 17.07 -10.27
C THR D 89 -23.57 15.85 -9.35
N ALA D 90 -24.56 15.00 -9.59
CA ALA D 90 -24.74 13.81 -8.76
C ALA D 90 -23.55 12.85 -8.86
N ASP D 91 -22.75 12.97 -9.92
CA ASP D 91 -21.55 12.15 -10.10
C ASP D 91 -20.39 12.60 -9.22
N THR D 92 -20.58 13.70 -8.49
CA THR D 92 -19.61 14.18 -7.51
C THR D 92 -19.50 13.19 -6.32
N ALA D 93 -18.29 12.69 -6.06
CA ALA D 93 -18.06 11.62 -5.08
C ALA D 93 -16.57 11.32 -4.92
N THR D 94 -16.22 10.56 -3.87
CA THR D 94 -14.91 9.92 -3.83
C THR D 94 -15.06 8.65 -4.67
N TYR D 95 -14.05 8.34 -5.47
CA TYR D 95 -14.07 7.10 -6.26
C TYR D 95 -12.99 6.14 -5.79
N TYR D 96 -13.36 4.88 -5.56
CA TYR D 96 -12.40 3.89 -5.08
C TYR D 96 -12.24 2.76 -6.07
N CYS D 97 -11.02 2.28 -6.25
CA CYS D 97 -10.88 0.96 -6.85
C CYS D 97 -10.46 -0.01 -5.77
N ALA D 98 -10.69 -1.29 -6.00
CA ALA D 98 -10.46 -2.30 -4.99
C ALA D 98 -10.29 -3.63 -5.68
N ARG D 99 -9.51 -4.52 -5.06
CA ARG D 99 -9.31 -5.85 -5.61
C ARG D 99 -10.49 -6.70 -5.18
N LEU D 100 -11.14 -7.35 -6.14
CA LEU D 100 -12.23 -8.25 -5.85
C LEU D 100 -11.70 -9.66 -5.92
N PHE D 101 -11.94 -10.43 -4.86
CA PHE D 101 -11.66 -11.87 -4.87
C PHE D 101 -13.00 -12.57 -4.99
N THR D 102 -13.13 -13.41 -6.02
CA THR D 102 -14.43 -13.98 -6.33
C THR D 102 -14.31 -15.46 -6.75
N THR D 103 -15.06 -16.32 -6.06
CA THR D 103 -15.20 -17.73 -6.48
C THR D 103 -16.69 -18.04 -6.55
N THR D 104 -17.01 -19.29 -6.87
CA THR D 104 -18.41 -19.74 -6.85
C THR D 104 -19.00 -19.76 -5.46
N THR D 105 -18.18 -19.60 -4.43
CA THR D 105 -18.69 -19.67 -3.04
C THR D 105 -18.22 -18.55 -2.10
N SER D 106 -17.72 -17.44 -2.66
CA SER D 106 -17.32 -16.30 -1.83
C SER D 106 -17.06 -15.08 -2.69
N GLY D 107 -17.15 -13.91 -2.09
CA GLY D 107 -16.83 -12.68 -2.80
C GLY D 107 -16.54 -11.62 -1.76
N TYR D 108 -15.51 -10.82 -2.01
CA TYR D 108 -15.15 -9.73 -1.12
C TYR D 108 -14.12 -8.77 -1.73
N PHE D 109 -14.11 -7.55 -1.22
CA PHE D 109 -13.12 -6.57 -1.60
C PHE D 109 -12.16 -6.49 -0.43
N ASP D 110 -11.00 -7.12 -0.54
CA ASP D 110 -10.15 -7.23 0.64
C ASP D 110 -9.11 -6.15 0.73
N VAL D 111 -8.79 -5.54 -0.41
CA VAL D 111 -7.87 -4.37 -0.45
C VAL D 111 -8.45 -3.25 -1.31
N TRP D 112 -8.56 -2.04 -0.74
CA TRP D 112 -9.11 -0.89 -1.46
C TRP D 112 -8.01 0.13 -1.76
N GLY D 113 -8.28 1.05 -2.69
CA GLY D 113 -7.37 2.16 -2.93
C GLY D 113 -7.70 3.27 -1.95
N ALA D 114 -6.86 4.29 -1.85
CA ALA D 114 -7.12 5.39 -0.91
C ALA D 114 -8.28 6.25 -1.36
N GLY D 115 -8.65 6.13 -2.63
CA GLY D 115 -9.73 6.93 -3.19
C GLY D 115 -9.27 8.24 -3.82
N THR D 116 -9.95 8.65 -4.88
CA THR D 116 -9.73 9.95 -5.48
C THR D 116 -11.04 10.73 -5.49
N THR D 117 -10.96 12.01 -5.12
CA THR D 117 -12.18 12.82 -5.14
C THR D 117 -12.40 13.47 -6.52
N VAL D 118 -13.62 13.32 -7.01
CA VAL D 118 -14.05 13.92 -8.26
C VAL D 118 -15.15 14.93 -7.95
N THR D 119 -15.02 16.13 -8.51
CA THR D 119 -16.04 17.17 -8.35
C THR D 119 -16.59 17.56 -9.74
N VAL D 120 -17.92 17.51 -9.89
CA VAL D 120 -18.57 17.88 -11.12
C VAL D 120 -19.38 19.17 -10.93
N SER D 121 -18.90 20.28 -11.48
CA SER D 121 -19.68 21.53 -11.49
C SER D 121 -19.24 22.47 -12.62
N SER D 122 -20.12 23.40 -12.97
CA SER D 122 -19.80 24.36 -14.04
C SER D 122 -19.16 25.64 -13.51
N ALA D 123 -19.03 25.74 -12.20
CA ALA D 123 -18.44 26.89 -11.53
C ALA D 123 -16.96 27.02 -11.86
N LYS D 124 -16.44 28.25 -11.87
CA LYS D 124 -14.99 28.41 -12.05
C LYS D 124 -14.35 28.96 -10.79
N THR D 125 -13.03 28.79 -10.71
CA THR D 125 -12.25 29.25 -9.57
C THR D 125 -12.70 30.64 -9.10
N THR D 126 -13.37 30.67 -7.95
CA THR D 126 -13.71 31.90 -7.29
C THR D 126 -13.02 31.91 -5.93
N PRO D 127 -12.30 32.98 -5.62
CA PRO D 127 -11.71 33.17 -4.28
C PRO D 127 -12.82 33.44 -3.27
N PRO D 128 -12.55 33.27 -1.97
CA PRO D 128 -13.58 33.52 -0.95
C PRO D 128 -13.62 34.97 -0.43
N SER D 129 -14.81 35.43 -0.05
CA SER D 129 -14.94 36.72 0.66
C SER D 129 -15.01 36.45 2.17
N VAL D 130 -13.95 36.78 2.87
CA VAL D 130 -13.90 36.57 4.32
C VAL D 130 -14.53 37.71 5.12
N TYR D 131 -15.73 37.47 5.64
CA TYR D 131 -16.43 38.44 6.48
C TYR D 131 -16.27 38.06 7.96
N PRO D 132 -16.01 39.06 8.83
CA PRO D 132 -15.82 38.78 10.26
C PRO D 132 -17.14 38.67 11.02
N LEU D 133 -17.15 37.89 12.10
CA LEU D 133 -18.32 37.82 12.97
C LEU D 133 -17.95 38.23 14.40
N ALA D 134 -18.58 39.30 14.88
CA ALA D 134 -18.34 39.79 16.24
C ALA D 134 -19.66 39.93 16.99
N PRO D 135 -19.62 39.70 18.32
CA PRO D 135 -20.78 39.84 19.20
C PRO D 135 -21.43 41.22 19.11
N MET D 144 -15.40 34.10 28.96
CA MET D 144 -15.29 33.42 27.67
C MET D 144 -16.19 34.05 26.60
N VAL D 145 -15.59 34.50 25.50
CA VAL D 145 -16.36 34.91 24.32
C VAL D 145 -15.99 34.10 23.08
N THR D 146 -16.92 34.05 22.12
CA THR D 146 -16.69 33.33 20.88
C THR D 146 -16.82 34.26 19.66
N LEU D 147 -15.79 34.24 18.82
CA LEU D 147 -15.71 35.06 17.61
C LEU D 147 -15.78 34.19 16.35
N GLY D 148 -16.21 34.76 15.23
CA GLY D 148 -16.49 33.98 14.03
C GLY D 148 -15.95 34.51 12.72
N CYS D 149 -15.55 33.59 11.85
CA CYS D 149 -15.01 33.92 10.54
C CYS D 149 -15.92 33.35 9.46
N LEU D 150 -16.59 34.22 8.71
CA LEU D 150 -17.47 33.76 7.64
C LEU D 150 -16.74 33.68 6.29
N VAL D 151 -16.53 32.45 5.79
CA VAL D 151 -15.85 32.22 4.52
C VAL D 151 -16.84 31.85 3.43
N LYS D 152 -17.09 32.78 2.50
CA LYS D 152 -18.25 32.69 1.61
C LYS D 152 -17.93 32.82 0.11
N GLY D 153 -18.70 32.09 -0.71
CA GLY D 153 -18.63 32.21 -2.15
C GLY D 153 -17.38 31.70 -2.86
N TYR D 154 -16.77 30.61 -2.39
CA TYR D 154 -15.58 30.12 -3.08
C TYR D 154 -15.80 28.83 -3.87
N PHE D 155 -14.88 28.59 -4.80
CA PHE D 155 -14.79 27.33 -5.52
C PHE D 155 -13.36 27.19 -6.04
N PRO D 156 -12.82 25.95 -6.07
CA PRO D 156 -13.38 24.75 -5.47
C PRO D 156 -12.89 24.60 -4.04
N GLU D 157 -13.20 23.46 -3.42
CA GLU D 157 -12.59 23.06 -2.16
C GLU D 157 -11.14 22.65 -2.45
N PRO D 158 -10.25 22.78 -1.45
CA PRO D 158 -10.52 23.13 -0.06
C PRO D 158 -10.09 24.55 0.29
N VAL D 159 -10.56 24.98 1.45
CA VAL D 159 -10.10 26.20 2.06
C VAL D 159 -9.39 25.84 3.37
N THR D 160 -8.33 26.56 3.72
CA THR D 160 -7.61 26.37 4.97
C THR D 160 -7.84 27.55 5.91
N VAL D 161 -8.46 27.29 7.07
CA VAL D 161 -8.74 28.34 8.03
C VAL D 161 -7.89 28.18 9.30
N THR D 162 -7.33 29.27 9.78
CA THR D 162 -6.48 29.22 10.96
C THR D 162 -6.64 30.55 11.70
N TRP D 163 -6.20 30.63 12.94
CA TRP D 163 -6.35 31.86 13.72
C TRP D 163 -5.02 32.24 14.35
N ASN D 164 -4.69 33.53 14.26
CA ASN D 164 -3.39 34.01 14.73
C ASN D 164 -2.26 33.20 14.12
N SER D 165 -2.41 32.84 12.85
CA SER D 165 -1.42 32.08 12.09
C SER D 165 -1.04 30.74 12.74
N GLY D 166 -1.97 30.16 13.50
CA GLY D 166 -1.75 28.85 14.08
C GLY D 166 -1.18 28.85 15.50
N SER D 167 -1.30 29.99 16.18
CA SER D 167 -0.85 30.10 17.56
C SER D 167 -2.05 29.90 18.48
N LEU D 168 -3.23 30.19 17.92
CA LEU D 168 -4.50 30.09 18.64
C LEU D 168 -5.22 28.81 18.22
N SER D 169 -4.89 27.70 18.88
CA SER D 169 -5.33 26.38 18.43
C SER D 169 -6.59 25.82 19.10
N SER D 170 -6.60 25.73 20.42
CA SER D 170 -7.74 25.14 21.12
C SER D 170 -8.92 26.10 21.16
N GLY D 171 -10.12 25.56 21.31
CA GLY D 171 -11.32 26.37 21.26
C GLY D 171 -11.68 26.72 19.83
N VAL D 172 -10.99 26.07 18.89
CA VAL D 172 -11.22 26.28 17.48
C VAL D 172 -11.83 25.04 16.84
N HIS D 173 -12.97 25.22 16.17
CA HIS D 173 -13.44 24.22 15.22
C HIS D 173 -13.97 24.89 13.96
N THR D 174 -13.64 24.31 12.81
CA THR D 174 -14.12 24.83 11.53
C THR D 174 -15.25 23.94 11.03
N PHE D 175 -16.38 24.56 10.72
CA PHE D 175 -17.52 23.83 10.21
C PHE D 175 -17.30 23.34 8.78
N PRO D 176 -17.82 22.14 8.45
CA PRO D 176 -17.79 21.56 7.10
C PRO D 176 -18.33 22.51 6.06
N ALA D 177 -17.70 22.57 4.89
CA ALA D 177 -18.17 23.51 3.86
C ALA D 177 -19.50 23.02 3.30
N VAL D 178 -20.34 23.95 2.88
CA VAL D 178 -21.65 23.64 2.31
C VAL D 178 -21.88 24.40 0.99
N LEU D 179 -22.57 23.77 0.05
CA LEU D 179 -22.70 24.30 -1.30
C LEU D 179 -23.96 25.15 -1.43
N GLN D 180 -23.80 26.37 -1.95
CA GLN D 180 -24.89 27.34 -2.10
C GLN D 180 -24.80 27.99 -3.47
N SER D 181 -25.74 27.65 -4.36
CA SER D 181 -25.70 28.11 -5.74
C SER D 181 -24.35 27.82 -6.40
N ASP D 182 -23.92 26.56 -6.33
CA ASP D 182 -22.64 26.10 -6.90
C ASP D 182 -21.39 26.67 -6.21
N LEU D 183 -21.58 27.36 -5.10
CA LEU D 183 -20.45 27.94 -4.37
C LEU D 183 -20.34 27.44 -2.92
N TYR D 184 -19.11 27.26 -2.46
CA TYR D 184 -18.89 26.75 -1.11
C TYR D 184 -18.86 27.85 -0.06
N THR D 185 -19.58 27.63 1.03
CA THR D 185 -19.57 28.54 2.18
C THR D 185 -19.23 27.78 3.45
N LEU D 186 -18.53 28.43 4.37
CA LEU D 186 -17.98 27.77 5.54
C LEU D 186 -17.73 28.79 6.65
N SER D 187 -17.72 28.33 7.90
CA SER D 187 -17.45 29.21 9.03
C SER D 187 -16.46 28.56 9.97
N SER D 188 -15.66 29.38 10.65
CA SER D 188 -14.81 28.88 11.72
C SER D 188 -15.18 29.56 13.04
N SER D 189 -15.01 28.82 14.13
CA SER D 189 -15.29 29.32 15.48
C SER D 189 -14.01 29.44 16.27
N VAL D 190 -13.92 30.49 17.08
CA VAL D 190 -12.78 30.66 17.96
C VAL D 190 -13.29 31.11 19.34
N THR D 191 -12.76 30.49 20.39
CA THR D 191 -13.21 30.80 21.73
C THR D 191 -12.07 31.37 22.58
N VAL D 192 -12.24 32.61 22.99
CA VAL D 192 -11.25 33.33 23.78
C VAL D 192 -11.87 33.77 25.09
N PRO D 193 -11.05 33.89 26.15
CA PRO D 193 -11.58 34.45 27.41
C PRO D 193 -12.04 35.89 27.20
N SER D 194 -12.81 36.43 28.12
CA SER D 194 -13.25 37.82 28.00
C SER D 194 -12.06 38.75 28.22
N SER D 195 -11.02 38.21 28.84
CA SER D 195 -9.80 38.95 29.13
C SER D 195 -9.04 39.45 27.88
N PRO D 196 -8.46 38.53 27.06
CA PRO D 196 -7.50 38.95 26.02
C PRO D 196 -8.15 39.41 24.72
N ARG D 197 -9.34 39.99 24.82
CA ARG D 197 -10.07 40.47 23.65
C ARG D 197 -11.06 41.52 24.13
N PRO D 198 -11.01 42.74 23.56
CA PRO D 198 -10.05 43.18 22.55
C PRO D 198 -8.65 43.53 23.07
N SER D 199 -8.29 43.04 24.26
CA SER D 199 -6.97 43.28 24.84
C SER D 199 -5.85 42.83 23.91
N GLU D 200 -6.01 41.64 23.34
CA GLU D 200 -5.05 41.14 22.36
C GLU D 200 -5.65 41.23 20.96
N THR D 201 -5.13 40.43 20.05
CA THR D 201 -5.55 40.49 18.66
C THR D 201 -6.15 39.17 18.16
N VAL D 202 -7.30 39.27 17.51
CA VAL D 202 -7.95 38.10 16.90
C VAL D 202 -8.00 38.22 15.39
N THR D 203 -7.14 37.44 14.74
CA THR D 203 -7.03 37.43 13.29
C THR D 203 -7.15 36.00 12.72
N CYS D 204 -8.13 35.80 11.84
CA CYS D 204 -8.24 34.54 11.12
C CYS D 204 -7.56 34.60 9.75
N ASN D 205 -6.93 33.49 9.37
CA ASN D 205 -6.25 33.39 8.08
C ASN D 205 -6.89 32.34 7.16
N VAL D 206 -7.67 32.82 6.20
CA VAL D 206 -8.27 31.96 5.20
C VAL D 206 -7.36 31.82 3.99
N ALA D 207 -6.92 30.59 3.70
CA ALA D 207 -6.08 30.34 2.53
C ALA D 207 -6.82 29.51 1.47
N HIS D 208 -6.72 29.93 0.20
CA HIS D 208 -7.38 29.23 -0.89
C HIS D 208 -6.41 28.95 -2.02
N PRO D 209 -5.70 27.80 -1.92
CA PRO D 209 -4.57 27.42 -2.79
C PRO D 209 -4.93 27.45 -4.27
N ALA D 210 -6.13 26.99 -4.60
CA ALA D 210 -6.63 26.98 -5.97
C ALA D 210 -6.58 28.34 -6.64
N SER D 211 -7.02 29.38 -5.94
CA SER D 211 -6.97 30.74 -6.47
C SER D 211 -5.73 31.50 -6.01
N SER D 212 -4.84 30.80 -5.31
CA SER D 212 -3.60 31.41 -4.83
C SER D 212 -3.83 32.69 -4.00
N THR D 213 -4.84 32.67 -3.14
CA THR D 213 -5.12 33.81 -2.28
C THR D 213 -4.96 33.45 -0.81
N LYS D 214 -4.51 34.43 -0.03
CA LYS D 214 -4.51 34.36 1.43
C LYS D 214 -5.13 35.65 1.95
N VAL D 215 -6.19 35.51 2.74
CA VAL D 215 -6.91 36.65 3.28
C VAL D 215 -6.82 36.69 4.80
N ASP D 216 -6.61 37.88 5.35
CA ASP D 216 -6.68 38.05 6.80
C ASP D 216 -7.83 39.00 7.16
N LYS D 217 -8.58 38.65 8.19
CA LYS D 217 -9.59 39.55 8.73
C LYS D 217 -9.25 39.72 10.20
N LYS D 218 -9.66 40.85 10.77
CA LYS D 218 -9.47 41.07 12.20
C LYS D 218 -10.84 41.13 12.85
N ILE D 219 -11.02 40.40 13.95
CA ILE D 219 -12.25 40.55 14.71
C ILE D 219 -12.22 41.95 15.35
N ALA D 220 -12.99 42.86 14.77
CA ALA D 220 -13.04 44.25 15.23
C ALA D 220 -14.37 44.56 15.91
N ALA D 221 -14.33 44.61 17.24
CA ALA D 221 -15.42 45.06 18.13
C ALA D 221 -16.81 45.26 17.52
N ASP E 1 -35.19 -4.68 -6.64
CA ASP E 1 -33.81 -5.11 -6.87
C ASP E 1 -33.46 -5.67 -5.52
N ILE E 2 -32.26 -6.20 -5.27
CA ILE E 2 -31.96 -6.60 -3.86
C ILE E 2 -31.30 -5.51 -3.03
N GLN E 3 -32.07 -4.91 -2.13
CA GLN E 3 -31.58 -3.79 -1.33
C GLN E 3 -31.22 -4.24 0.07
N MET E 4 -30.26 -3.54 0.69
CA MET E 4 -29.89 -3.77 2.08
C MET E 4 -30.36 -2.63 2.97
N THR E 5 -31.17 -2.96 3.97
CA THR E 5 -31.64 -1.98 4.93
C THR E 5 -30.88 -2.20 6.25
N GLN E 6 -30.12 -1.19 6.67
CA GLN E 6 -29.21 -1.34 7.79
C GLN E 6 -29.69 -0.47 8.95
N SER E 7 -29.67 -1.01 10.17
CA SER E 7 -30.10 -0.23 11.34
C SER E 7 -29.27 -0.58 12.56
N PRO E 8 -29.13 0.37 13.49
CA PRO E 8 -29.63 1.74 13.41
C PRO E 8 -28.64 2.59 12.59
N ALA E 9 -29.07 3.77 12.16
CA ALA E 9 -28.18 4.66 11.41
C ALA E 9 -27.10 5.22 12.34
N SER E 10 -27.47 5.44 13.59
CA SER E 10 -26.53 6.00 14.55
C SER E 10 -26.61 5.21 15.85
N LEU E 11 -25.50 5.22 16.59
CA LEU E 11 -25.38 4.37 17.76
C LEU E 11 -24.31 4.96 18.66
N SER E 12 -24.61 5.05 19.94
CA SER E 12 -23.66 5.59 20.91
C SER E 12 -23.32 4.51 21.93
N ALA E 13 -22.06 4.46 22.35
CA ALA E 13 -21.63 3.41 23.30
C ALA E 13 -20.33 3.83 23.96
N SER E 14 -19.97 3.15 25.06
CA SER E 14 -18.73 3.44 25.75
C SER E 14 -17.77 2.28 25.58
N VAL E 15 -16.48 2.56 25.80
CA VAL E 15 -15.45 1.55 25.73
C VAL E 15 -15.80 0.40 26.68
N GLY E 16 -15.68 -0.84 26.20
CA GLY E 16 -15.97 -2.00 27.01
C GLY E 16 -17.38 -2.52 26.79
N GLU E 17 -18.25 -1.68 26.23
CA GLU E 17 -19.62 -2.11 25.95
C GLU E 17 -19.71 -2.99 24.71
N THR E 18 -20.92 -3.46 24.45
CA THR E 18 -21.20 -4.37 23.36
C THR E 18 -22.31 -3.76 22.56
N VAL E 19 -22.23 -3.92 21.24
CA VAL E 19 -23.07 -3.19 20.34
C VAL E 19 -23.48 -4.14 19.21
N THR E 20 -24.69 -3.98 18.70
CA THR E 20 -25.15 -4.84 17.62
C THR E 20 -25.70 -3.98 16.46
N ILE E 21 -25.31 -4.34 15.24
CA ILE E 21 -25.73 -3.62 14.04
C ILE E 21 -26.41 -4.67 13.18
N THR E 22 -27.52 -4.30 12.53
CA THR E 22 -28.27 -5.29 11.77
C THR E 22 -28.44 -4.90 10.31
N CYS E 23 -28.47 -5.89 9.43
CA CYS E 23 -28.77 -5.66 8.03
C CYS E 23 -29.86 -6.59 7.55
N ARG E 24 -30.83 -6.02 6.81
CA ARG E 24 -31.86 -6.85 6.18
C ARG E 24 -31.84 -6.74 4.67
N ALA E 25 -31.86 -7.89 4.03
CA ALA E 25 -31.88 -7.94 2.57
C ALA E 25 -33.31 -8.12 2.11
N SER E 26 -33.67 -7.46 1.01
CA SER E 26 -35.05 -7.53 0.51
C SER E 26 -35.34 -8.91 -0.10
N GLY E 27 -34.31 -9.73 -0.16
CA GLY E 27 -34.38 -11.04 -0.76
C GLY E 27 -33.25 -11.88 -0.20
N ASN E 28 -33.41 -13.20 -0.24
CA ASN E 28 -32.40 -14.12 0.23
C ASN E 28 -31.05 -13.90 -0.50
N ILE E 29 -29.98 -13.75 0.25
CA ILE E 29 -28.66 -13.53 -0.34
C ILE E 29 -27.70 -14.68 -0.03
N TYR E 30 -28.18 -15.69 0.68
CA TYR E 30 -27.46 -16.96 0.84
C TYR E 30 -26.10 -16.81 1.52
N ASN E 31 -26.06 -15.97 2.55
CA ASN E 31 -24.86 -15.70 3.34
C ASN E 31 -23.78 -14.85 2.65
N TYR E 32 -24.02 -14.41 1.43
CA TYR E 32 -22.99 -13.62 0.74
C TYR E 32 -23.09 -12.16 1.16
N LEU E 33 -22.64 -11.91 2.38
CA LEU E 33 -22.77 -10.59 3.00
C LEU E 33 -21.42 -10.23 3.61
N ALA E 34 -20.89 -9.07 3.20
CA ALA E 34 -19.62 -8.62 3.76
C ALA E 34 -19.89 -7.38 4.61
N TRP E 35 -19.04 -7.17 5.62
CA TRP E 35 -19.09 -5.94 6.39
C TRP E 35 -17.80 -5.18 6.19
N TYR E 36 -17.89 -3.85 6.11
CA TYR E 36 -16.71 -2.98 5.98
C TYR E 36 -16.73 -1.96 7.11
N GLN E 37 -15.55 -1.61 7.61
CA GLN E 37 -15.43 -0.57 8.60
C GLN E 37 -14.82 0.64 7.91
N GLN E 38 -15.37 1.83 8.17
CA GLN E 38 -14.78 3.04 7.59
C GLN E 38 -14.55 4.09 8.66
N LYS E 39 -13.29 4.41 8.92
CA LYS E 39 -12.99 5.50 9.84
C LYS E 39 -13.08 6.87 9.15
N GLN E 40 -13.27 7.91 9.95
CA GLN E 40 -13.52 9.25 9.44
C GLN E 40 -12.50 9.69 8.41
N GLY E 41 -12.97 9.90 7.17
CA GLY E 41 -12.11 10.42 6.12
C GLY E 41 -11.26 9.39 5.41
N LYS E 42 -11.45 8.10 5.72
CA LYS E 42 -10.56 7.07 5.18
C LYS E 42 -11.24 6.10 4.23
N SER E 43 -10.42 5.28 3.59
CA SER E 43 -10.90 4.22 2.72
C SER E 43 -11.45 3.05 3.56
N PRO E 44 -12.57 2.45 3.14
CA PRO E 44 -13.19 1.36 3.90
C PRO E 44 -12.29 0.11 3.93
N GLN E 45 -12.40 -0.71 4.99
CA GLN E 45 -11.62 -1.94 5.11
C GLN E 45 -12.52 -3.16 5.38
N LEU E 46 -12.17 -4.31 4.81
CA LEU E 46 -12.98 -5.51 4.98
C LEU E 46 -12.92 -6.03 6.44
N LEU E 47 -14.08 -6.24 7.08
CA LEU E 47 -14.10 -6.86 8.41
C LEU E 47 -14.56 -8.31 8.38
N VAL E 48 -15.61 -8.58 7.60
CA VAL E 48 -16.25 -9.89 7.58
C VAL E 48 -16.67 -10.21 6.15
N TYR E 49 -16.56 -11.46 5.72
CA TYR E 49 -17.20 -11.84 4.46
C TYR E 49 -17.97 -13.15 4.60
N ASN E 50 -18.79 -13.47 3.60
CA ASN E 50 -19.67 -14.62 3.69
C ASN E 50 -20.45 -14.65 5.01
N ALA E 51 -21.03 -13.50 5.36
CA ALA E 51 -21.84 -13.35 6.58
C ALA E 51 -21.10 -13.52 7.93
N LYS E 52 -20.16 -14.46 8.02
CA LYS E 52 -19.64 -14.85 9.35
C LYS E 52 -18.14 -15.12 9.46
N THR E 53 -17.40 -15.04 8.35
CA THR E 53 -15.98 -15.29 8.39
C THR E 53 -15.18 -13.99 8.55
N LEU E 54 -14.51 -13.83 9.70
CA LEU E 54 -13.66 -12.68 9.93
C LEU E 54 -12.53 -12.61 8.92
N ALA E 55 -12.16 -11.39 8.49
CA ALA E 55 -11.06 -11.17 7.58
C ALA E 55 -9.75 -11.14 8.37
N ASP E 56 -8.63 -11.26 7.67
CA ASP E 56 -7.32 -11.06 8.30
C ASP E 56 -7.25 -9.69 8.99
N GLY E 57 -6.57 -9.64 10.13
CA GLY E 57 -6.42 -8.37 10.85
C GLY E 57 -7.56 -8.05 11.82
N VAL E 58 -8.64 -8.82 11.74
CA VAL E 58 -9.83 -8.58 12.54
C VAL E 58 -9.84 -9.43 13.82
N PRO E 59 -9.89 -8.79 15.00
CA PRO E 59 -9.85 -9.50 16.29
C PRO E 59 -11.17 -10.19 16.68
N SER E 60 -11.08 -11.13 17.62
CA SER E 60 -12.15 -12.06 17.95
C SER E 60 -13.39 -11.41 18.56
N ARG E 61 -13.28 -10.15 18.96
CA ARG E 61 -14.44 -9.46 19.55
C ARG E 61 -15.50 -9.05 18.51
N PHE E 62 -15.19 -9.19 17.23
CA PHE E 62 -16.17 -8.92 16.17
C PHE E 62 -16.82 -10.23 15.80
N SER E 63 -18.12 -10.21 15.53
CA SER E 63 -18.82 -11.47 15.30
C SER E 63 -19.95 -11.29 14.32
N GLY E 64 -19.88 -11.95 13.17
CA GLY E 64 -20.94 -11.82 12.18
C GLY E 64 -21.85 -13.04 12.17
N SER E 65 -23.15 -12.83 11.98
CA SER E 65 -24.05 -13.97 11.83
C SER E 65 -25.28 -13.65 11.02
N GLY E 66 -26.14 -14.65 10.84
CA GLY E 66 -27.38 -14.48 10.10
C GLY E 66 -27.54 -15.54 9.04
N SER E 67 -28.66 -15.50 8.33
CA SER E 67 -28.90 -16.35 7.17
C SER E 67 -30.14 -15.84 6.46
N GLY E 68 -30.44 -16.37 5.28
CA GLY E 68 -31.56 -15.89 4.48
C GLY E 68 -31.48 -14.38 4.23
N THR E 69 -32.30 -13.59 4.92
CA THR E 69 -32.34 -12.16 4.63
C THR E 69 -31.91 -11.31 5.82
N GLN E 70 -31.57 -11.97 6.94
CA GLN E 70 -31.38 -11.24 8.19
C GLN E 70 -29.98 -11.46 8.75
N TYR E 71 -29.25 -10.37 9.00
CA TYR E 71 -27.85 -10.49 9.34
C TYR E 71 -27.52 -9.48 10.39
N SER E 72 -26.53 -9.78 11.20
CA SER E 72 -26.06 -8.79 12.14
C SER E 72 -24.57 -8.89 12.36
N LEU E 73 -24.00 -7.77 12.77
CA LEU E 73 -22.61 -7.71 13.14
C LEU E 73 -22.63 -7.27 14.58
N LYS E 74 -21.86 -7.95 15.40
CA LYS E 74 -21.85 -7.67 16.81
C LYS E 74 -20.44 -7.38 17.25
N ILE E 75 -20.27 -6.31 18.01
CA ILE E 75 -18.94 -5.94 18.47
C ILE E 75 -18.91 -5.96 20.01
N ASN E 76 -18.13 -6.86 20.57
CA ASN E 76 -18.01 -6.98 22.03
C ASN E 76 -16.85 -6.18 22.58
N SER E 77 -17.03 -5.57 23.75
CA SER E 77 -15.92 -4.87 24.41
C SER E 77 -15.26 -3.83 23.50
N LEU E 78 -16.05 -2.86 23.03
CA LEU E 78 -15.56 -1.80 22.15
C LEU E 78 -14.26 -1.17 22.61
N GLN E 79 -13.35 -0.98 21.66
CA GLN E 79 -12.14 -0.21 21.91
C GLN E 79 -12.27 1.16 21.23
N PRO E 80 -11.43 2.14 21.62
CA PRO E 80 -11.48 3.46 20.96
C PRO E 80 -11.42 3.41 19.44
N GLU E 81 -10.61 2.54 18.85
CA GLU E 81 -10.53 2.47 17.39
C GLU E 81 -11.67 1.72 16.73
N ASP E 82 -12.62 1.21 17.50
CA ASP E 82 -13.79 0.57 16.89
C ASP E 82 -14.79 1.64 16.47
N PHE E 83 -14.65 2.85 17.01
CA PHE E 83 -15.55 3.92 16.65
C PHE E 83 -15.33 4.44 15.21
N GLY E 84 -16.41 4.56 14.46
CA GLY E 84 -16.35 4.84 13.04
C GLY E 84 -17.64 4.34 12.43
N SER E 85 -17.67 4.18 11.12
CA SER E 85 -18.89 3.74 10.45
C SER E 85 -18.77 2.32 9.92
N TYR E 86 -19.91 1.66 9.73
CA TYR E 86 -19.91 0.27 9.28
C TYR E 86 -20.91 0.13 8.18
N PHE E 87 -20.54 -0.60 7.15
CA PHE E 87 -21.47 -0.87 6.06
C PHE E 87 -21.48 -2.35 5.81
N CYS E 88 -22.65 -2.87 5.47
CA CYS E 88 -22.76 -4.21 4.93
C CYS E 88 -22.92 -4.08 3.42
N GLN E 89 -22.67 -5.19 2.72
CA GLN E 89 -22.80 -5.24 1.26
C GLN E 89 -23.02 -6.70 0.89
N HIS E 90 -23.92 -6.96 -0.06
CA HIS E 90 -24.16 -8.35 -0.43
C HIS E 90 -23.48 -8.66 -1.76
N PHE E 91 -23.17 -9.94 -1.97
CA PHE E 91 -22.47 -10.37 -3.19
C PHE E 91 -23.30 -11.35 -3.99
N TRP E 92 -24.62 -11.27 -3.82
CA TRP E 92 -25.56 -12.11 -4.56
C TRP E 92 -25.96 -11.42 -5.88
N ASP E 93 -27.24 -11.45 -6.26
CA ASP E 93 -27.68 -10.89 -7.56
C ASP E 93 -27.20 -9.45 -7.76
N THR E 94 -26.55 -9.21 -8.90
CA THR E 94 -26.22 -7.85 -9.28
C THR E 94 -27.52 -7.14 -9.60
N PRO E 95 -27.61 -5.82 -9.31
CA PRO E 95 -26.56 -4.97 -8.74
C PRO E 95 -26.32 -5.16 -7.24
N TRP E 96 -25.05 -5.30 -6.88
CA TRP E 96 -24.65 -5.38 -5.48
C TRP E 96 -24.94 -4.06 -4.80
N THR E 97 -25.53 -4.12 -3.61
CA THR E 97 -25.90 -2.90 -2.90
C THR E 97 -25.29 -2.88 -1.51
N PHE E 98 -25.07 -1.67 -1.00
CA PHE E 98 -24.56 -1.50 0.34
C PHE E 98 -25.71 -1.10 1.27
N GLY E 99 -25.55 -1.36 2.56
CA GLY E 99 -26.45 -0.77 3.54
C GLY E 99 -26.09 0.70 3.68
N GLY E 100 -27.00 1.50 4.25
CA GLY E 100 -26.77 2.93 4.40
C GLY E 100 -25.70 3.24 5.43
N GLY E 101 -25.27 2.21 6.14
CA GLY E 101 -24.26 2.39 7.15
C GLY E 101 -24.75 2.77 8.55
N THR E 102 -23.84 2.65 9.51
CA THR E 102 -24.15 2.95 10.89
C THR E 102 -22.96 3.66 11.46
N LYS E 103 -23.19 4.79 12.13
CA LYS E 103 -22.10 5.50 12.78
C LYS E 103 -22.03 5.08 14.23
N LEU E 104 -20.87 4.58 14.64
CA LEU E 104 -20.69 4.19 16.03
C LEU E 104 -19.95 5.32 16.71
N GLU E 105 -20.63 6.01 17.59
CA GLU E 105 -20.08 7.20 18.19
C GLU E 105 -19.89 7.05 19.69
N ILE E 106 -19.05 7.90 20.26
CA ILE E 106 -18.74 7.80 21.68
C ILE E 106 -19.82 8.44 22.57
N LYS E 107 -20.19 7.70 23.60
CA LYS E 107 -21.13 8.13 24.63
C LYS E 107 -20.43 9.09 25.60
N ARG E 108 -21.10 10.16 26.01
CA ARG E 108 -20.57 11.04 27.06
C ARG E 108 -21.72 11.71 27.81
N ALA E 109 -21.40 12.50 28.84
CA ALA E 109 -22.42 13.23 29.61
C ALA E 109 -23.19 14.19 28.71
N ASP E 110 -24.45 14.43 29.03
CA ASP E 110 -25.23 15.43 28.32
C ASP E 110 -24.63 16.83 28.50
N ALA E 111 -24.53 17.59 27.40
CA ALA E 111 -23.94 18.94 27.43
C ALA E 111 -24.84 19.95 26.74
N ALA E 112 -24.97 21.13 27.36
CA ALA E 112 -25.78 22.21 26.80
C ALA E 112 -24.99 22.97 25.73
N PRO E 113 -25.66 23.31 24.62
CA PRO E 113 -25.03 24.09 23.55
C PRO E 113 -24.70 25.52 23.96
N THR E 114 -23.42 25.91 23.92
CA THR E 114 -23.03 27.32 24.05
C THR E 114 -23.43 28.08 22.79
N VAL E 115 -24.45 28.94 22.90
CA VAL E 115 -25.01 29.62 21.74
C VAL E 115 -24.47 31.05 21.53
N SER E 116 -24.11 31.37 20.29
CA SER E 116 -23.66 32.71 19.89
C SER E 116 -24.43 33.21 18.67
N ILE E 117 -24.77 34.50 18.67
CA ILE E 117 -25.47 35.13 17.57
C ILE E 117 -24.56 36.21 16.99
N PHE E 118 -24.56 36.36 15.67
CA PHE E 118 -23.72 37.37 15.03
C PHE E 118 -24.48 38.11 13.94
N PRO E 119 -24.45 39.46 13.99
CA PRO E 119 -25.06 40.26 12.93
C PRO E 119 -24.07 40.37 11.76
N PRO E 120 -24.58 40.55 10.54
CA PRO E 120 -23.70 40.70 9.37
C PRO E 120 -22.71 41.85 9.54
N SER E 121 -21.46 41.64 9.13
CA SER E 121 -20.41 42.66 9.24
C SER E 121 -20.57 43.80 8.22
N SER E 122 -20.15 45.00 8.60
CA SER E 122 -20.25 46.18 7.73
C SER E 122 -19.58 45.90 6.39
N GLU E 123 -18.42 45.25 6.48
CA GLU E 123 -17.63 44.84 5.33
C GLU E 123 -18.43 43.99 4.34
N GLN E 124 -19.44 43.27 4.84
CA GLN E 124 -20.28 42.43 4.00
C GLN E 124 -21.51 43.21 3.51
N LEU E 125 -21.96 44.15 4.34
CA LEU E 125 -23.13 44.97 4.02
C LEU E 125 -22.87 45.84 2.79
N THR E 126 -21.58 46.10 2.51
CA THR E 126 -21.16 46.79 1.29
C THR E 126 -21.68 46.05 0.06
N SER E 127 -21.36 44.75 -0.01
CA SER E 127 -21.72 43.90 -1.14
C SER E 127 -23.22 43.86 -1.42
N GLY E 128 -24.02 44.35 -0.48
CA GLY E 128 -25.46 44.29 -0.61
C GLY E 128 -26.03 42.92 -0.29
N GLY E 129 -25.54 42.33 0.79
CA GLY E 129 -26.00 41.03 1.26
C GLY E 129 -25.68 40.87 2.74
N ALA E 130 -26.62 40.30 3.49
CA ALA E 130 -26.45 40.13 4.93
C ALA E 130 -26.57 38.67 5.35
N SER E 131 -25.54 38.16 6.01
CA SER E 131 -25.60 36.80 6.55
C SER E 131 -25.55 36.81 8.07
N VAL E 132 -26.66 36.42 8.68
CA VAL E 132 -26.74 36.26 10.13
C VAL E 132 -26.32 34.83 10.50
N VAL E 133 -25.25 34.69 11.27
CA VAL E 133 -24.81 33.37 11.67
C VAL E 133 -25.05 33.08 13.17
N CYS E 134 -25.37 31.82 13.47
CA CYS E 134 -25.50 31.38 14.86
C CYS E 134 -24.63 30.15 15.11
N PHE E 135 -23.77 30.23 16.11
CA PHE E 135 -22.99 29.08 16.55
C PHE E 135 -23.69 28.36 17.70
N LEU E 136 -23.75 27.03 17.61
CA LEU E 136 -24.22 26.19 18.70
C LEU E 136 -23.10 25.22 19.01
N ASN E 137 -22.26 25.55 19.99
CA ASN E 137 -21.02 24.81 20.18
C ASN E 137 -20.99 23.84 21.36
N ASN E 138 -20.29 22.74 21.13
CA ASN E 138 -19.90 21.81 22.17
C ASN E 138 -21.04 21.27 23.03
N PHE E 139 -22.00 20.64 22.34
CA PHE E 139 -23.12 20.01 22.99
C PHE E 139 -23.15 18.46 22.79
N TYR E 140 -23.91 17.79 23.66
CA TYR E 140 -24.16 16.35 23.56
C TYR E 140 -25.50 16.01 24.22
N PRO E 141 -26.33 15.20 23.55
CA PRO E 141 -26.07 14.50 22.28
C PRO E 141 -26.33 15.36 21.05
N LYS E 142 -26.07 14.77 19.88
CA LYS E 142 -25.97 15.50 18.63
C LYS E 142 -27.29 15.97 18.03
N ASP E 143 -28.40 15.38 18.46
CA ASP E 143 -29.72 15.78 17.99
C ASP E 143 -30.02 17.22 18.46
N ILE E 144 -30.34 18.09 17.52
CA ILE E 144 -30.60 19.50 17.85
C ILE E 144 -31.49 20.19 16.82
N ASN E 145 -32.30 21.12 17.31
CA ASN E 145 -33.16 21.92 16.44
C ASN E 145 -32.83 23.40 16.60
N VAL E 146 -32.93 24.16 15.52
CA VAL E 146 -32.71 25.60 15.58
C VAL E 146 -33.90 26.33 15.00
N LYS E 147 -34.23 27.46 15.62
CA LYS E 147 -35.31 28.31 15.15
C LYS E 147 -34.76 29.71 14.87
N TRP E 148 -35.01 30.22 13.67
CA TRP E 148 -34.70 31.59 13.36
C TRP E 148 -35.92 32.47 13.58
N LYS E 149 -35.73 33.57 14.31
CA LYS E 149 -36.82 34.51 14.49
C LYS E 149 -36.42 35.92 14.07
N ILE E 150 -37.30 36.55 13.28
CA ILE E 150 -37.12 37.95 12.86
C ILE E 150 -38.33 38.79 13.30
N ASP E 151 -38.12 39.69 14.24
CA ASP E 151 -39.22 40.48 14.83
C ASP E 151 -40.31 39.56 15.38
N GLY E 152 -39.89 38.48 16.05
CA GLY E 152 -40.81 37.54 16.66
C GLY E 152 -41.54 36.64 15.66
N SER E 153 -40.90 36.40 14.51
CA SER E 153 -41.50 35.56 13.49
C SER E 153 -40.53 34.48 13.00
N GLU E 154 -41.04 33.26 12.82
CA GLU E 154 -40.21 32.16 12.33
C GLU E 154 -39.98 32.28 10.83
N ARG E 155 -38.70 32.33 10.43
CA ARG E 155 -38.33 32.26 9.03
C ARG E 155 -37.77 30.87 8.72
N GLN E 156 -38.23 30.29 7.60
CA GLN E 156 -37.78 28.96 7.19
C GLN E 156 -36.85 29.02 5.97
N ASN E 157 -37.12 29.94 5.05
CA ASN E 157 -36.30 30.10 3.84
C ASN E 157 -35.00 30.87 4.10
N GLY E 158 -33.96 30.52 3.36
CA GLY E 158 -32.68 31.20 3.46
C GLY E 158 -31.80 30.70 4.61
N VAL E 159 -32.07 29.48 5.07
CA VAL E 159 -31.34 28.91 6.21
C VAL E 159 -30.37 27.80 5.80
N LEU E 160 -29.10 27.97 6.11
CA LEU E 160 -28.10 26.93 5.86
C LEU E 160 -27.45 26.38 7.12
N ASN E 161 -27.56 25.07 7.31
CA ASN E 161 -27.03 24.42 8.50
C ASN E 161 -25.81 23.55 8.21
N SER E 162 -24.93 23.41 9.20
CA SER E 162 -23.69 22.69 9.02
C SER E 162 -23.18 22.11 10.34
N TRP E 163 -23.14 20.77 10.44
CA TRP E 163 -22.75 20.09 11.69
C TRP E 163 -21.34 19.54 11.61
N THR E 164 -20.53 19.77 12.64
CA THR E 164 -19.23 19.13 12.70
C THR E 164 -19.40 17.66 13.06
N ASP E 165 -18.36 16.85 12.83
CA ASP E 165 -18.34 15.47 13.26
C ASP E 165 -18.08 15.49 14.77
N GLN E 166 -18.18 14.33 15.41
CA GLN E 166 -17.85 14.23 16.83
C GLN E 166 -16.39 14.59 17.06
N ASP E 167 -16.17 15.50 18.00
CA ASP E 167 -14.84 15.96 18.36
C ASP E 167 -14.04 14.80 18.89
N SER E 168 -12.79 14.68 18.45
CA SER E 168 -11.93 13.56 18.85
C SER E 168 -11.28 13.80 20.20
N LYS E 169 -11.45 15.00 20.76
CA LYS E 169 -10.85 15.31 22.05
C LYS E 169 -11.85 15.25 23.21
N ASP E 170 -13.01 15.89 23.03
CA ASP E 170 -14.01 15.94 24.10
C ASP E 170 -15.35 15.32 23.73
N SER E 171 -15.42 14.68 22.55
CA SER E 171 -16.58 13.86 22.15
C SER E 171 -17.88 14.65 22.05
N THR E 172 -17.78 15.94 21.80
CA THR E 172 -18.98 16.75 21.69
C THR E 172 -19.27 17.12 20.23
N TYR E 173 -20.43 17.71 19.99
CA TYR E 173 -20.85 18.11 18.65
C TYR E 173 -21.01 19.64 18.57
N SER E 174 -20.94 20.19 17.36
CA SER E 174 -21.16 21.62 17.13
C SER E 174 -21.90 21.83 15.82
N MET E 175 -22.83 22.77 15.81
CA MET E 175 -23.48 23.14 14.55
C MET E 175 -23.56 24.65 14.36
N SER E 176 -23.41 25.10 13.12
CA SER E 176 -23.56 26.51 12.79
C SER E 176 -24.80 26.71 11.94
N SER E 177 -25.60 27.73 12.25
CA SER E 177 -26.71 28.08 11.39
C SER E 177 -26.44 29.44 10.75
N THR E 178 -26.67 29.54 9.45
CA THR E 178 -26.49 30.80 8.73
C THR E 178 -27.77 31.21 8.00
N LEU E 179 -28.32 32.35 8.40
CA LEU E 179 -29.47 32.94 7.73
C LEU E 179 -28.97 34.00 6.78
N THR E 180 -29.22 33.81 5.48
CA THR E 180 -28.75 34.77 4.48
C THR E 180 -29.88 35.67 3.98
N LEU E 181 -29.69 36.97 4.12
CA LEU E 181 -30.68 37.96 3.71
C LEU E 181 -30.07 39.01 2.76
N THR E 182 -30.90 39.61 1.93
CA THR E 182 -30.49 40.79 1.16
C THR E 182 -30.17 41.90 2.17
N LYS E 183 -29.23 42.78 1.82
CA LYS E 183 -28.89 43.89 2.72
C LYS E 183 -30.04 44.87 2.89
N ASP E 184 -31.14 44.63 2.16
CA ASP E 184 -32.31 45.48 2.25
C ASP E 184 -33.27 45.01 3.34
N GLU E 185 -33.64 43.73 3.28
CA GLU E 185 -34.51 43.14 4.30
C GLU E 185 -33.89 43.19 5.70
N TYR E 186 -32.55 43.17 5.73
CA TYR E 186 -31.84 43.30 7.01
C TYR E 186 -32.07 44.67 7.66
N GLU E 187 -32.15 45.72 6.83
CA GLU E 187 -32.41 47.07 7.32
C GLU E 187 -33.90 47.26 7.60
N ARG E 188 -34.73 46.42 6.98
CA ARG E 188 -36.18 46.50 7.00
C ARG E 188 -36.80 45.86 8.25
N HIS E 189 -35.99 45.07 8.96
CA HIS E 189 -36.42 44.44 10.20
C HIS E 189 -35.35 44.72 11.25
N ASN E 190 -35.67 44.53 12.54
CA ASN E 190 -34.75 44.93 13.61
C ASN E 190 -34.48 43.87 14.69
N SER E 191 -35.46 43.01 14.95
CA SER E 191 -35.28 41.92 15.92
C SER E 191 -34.83 40.64 15.25
N TYR E 192 -33.69 40.10 15.68
CA TYR E 192 -33.17 38.87 15.10
C TYR E 192 -32.85 37.82 16.15
N THR E 193 -33.45 36.64 16.00
CA THR E 193 -33.42 35.65 17.06
C THR E 193 -33.00 34.24 16.64
N CYS E 194 -32.09 33.67 17.41
CA CYS E 194 -31.61 32.31 17.22
C CYS E 194 -32.06 31.41 18.39
N GLU E 195 -33.03 30.52 18.14
CA GLU E 195 -33.53 29.64 19.20
C GLU E 195 -33.05 28.17 19.08
N ALA E 196 -32.35 27.69 20.10
CA ALA E 196 -31.85 26.32 20.09
C ALA E 196 -32.61 25.37 21.05
N THR E 197 -33.43 24.49 20.47
CA THR E 197 -34.13 23.47 21.25
C THR E 197 -33.27 22.20 21.39
N HIS E 198 -32.89 21.85 22.62
CA HIS E 198 -32.03 20.70 22.87
C HIS E 198 -32.52 19.92 24.09
N LYS E 199 -32.13 18.64 24.19
CA LYS E 199 -32.65 17.79 25.27
C LYS E 199 -32.12 18.16 26.67
N THR E 200 -31.03 18.91 26.74
CA THR E 200 -30.53 19.40 28.04
C THR E 200 -31.50 20.34 28.76
N SER E 201 -32.56 20.78 28.08
CA SER E 201 -33.55 21.66 28.69
C SER E 201 -34.89 21.71 27.95
N THR E 202 -35.93 22.05 28.71
CA THR E 202 -37.29 22.15 28.21
C THR E 202 -37.47 23.43 27.41
N SER E 203 -36.85 24.50 27.87
CA SER E 203 -36.94 25.77 27.16
C SER E 203 -35.66 26.07 26.39
N PRO E 204 -35.82 26.50 25.12
CA PRO E 204 -34.68 26.71 24.21
C PRO E 204 -33.71 27.75 24.74
N ILE E 205 -32.47 27.73 24.26
CA ILE E 205 -31.52 28.78 24.53
C ILE E 205 -31.68 29.84 23.43
N VAL E 206 -32.06 31.04 23.86
CA VAL E 206 -32.38 32.13 22.94
C VAL E 206 -31.30 33.19 22.95
N LYS E 207 -30.69 33.42 21.79
CA LYS E 207 -29.81 34.57 21.61
C LYS E 207 -30.39 35.52 20.56
N SER E 208 -30.41 36.80 20.90
CA SER E 208 -31.03 37.80 20.06
C SER E 208 -30.14 39.00 19.96
N PHE E 209 -30.29 39.76 18.88
CA PHE E 209 -29.63 41.04 18.72
C PHE E 209 -30.59 42.05 18.08
N ASN E 210 -30.39 43.31 18.41
CA ASN E 210 -31.12 44.40 17.76
C ASN E 210 -30.19 45.09 16.77
N ARG E 211 -30.75 45.60 15.68
CA ARG E 211 -29.95 46.30 14.68
C ARG E 211 -29.81 47.78 15.02
N LYS F 2 -24.13 -21.87 -1.72
CA LYS F 2 -24.91 -21.81 -2.95
C LYS F 2 -24.10 -21.18 -4.06
N LEU F 3 -24.02 -21.86 -5.20
CA LEU F 3 -23.07 -21.45 -6.25
C LEU F 3 -23.35 -20.08 -6.89
N ARG F 4 -22.31 -19.26 -7.03
CA ARG F 4 -22.43 -17.93 -7.63
C ARG F 4 -22.03 -17.99 -9.11
N GLY F 5 -22.85 -17.41 -9.98
CA GLY F 5 -22.52 -17.37 -11.39
C GLY F 5 -22.72 -16.00 -11.99
N VAL F 6 -22.99 -15.96 -13.28
CA VAL F 6 -23.02 -14.71 -14.05
C VAL F 6 -24.00 -13.67 -13.49
N LEU F 7 -25.17 -14.13 -13.07
CA LEU F 7 -26.19 -13.25 -12.49
C LEU F 7 -25.78 -12.64 -11.15
N GLN F 8 -24.74 -13.22 -10.52
CA GLN F 8 -24.24 -12.68 -9.27
C GLN F 8 -22.89 -11.95 -9.45
N GLY F 9 -22.47 -11.81 -10.70
CA GLY F 9 -21.30 -11.00 -11.00
C GLY F 9 -20.03 -11.80 -10.99
N HIS F 10 -20.17 -13.12 -11.10
CA HIS F 10 -19.04 -14.04 -11.13
C HIS F 10 -19.08 -14.85 -12.43
N LEU F 11 -17.97 -14.96 -13.14
CA LEU F 11 -17.98 -15.66 -14.42
C LEU F 11 -17.08 -16.88 -14.30
#